data_8JHG
#
_entry.id   8JHG
#
_cell.length_a   1.00
_cell.length_b   1.00
_cell.length_c   1.00
_cell.angle_alpha   90.00
_cell.angle_beta   90.00
_cell.angle_gamma   90.00
#
_symmetry.space_group_name_H-M   'P 1'
#
loop_
_entity.id
_entity.type
_entity.pdbx_description
1 polymer 'Histone-lysine N-methyltransferase KMT5B'
2 polymer 'Histone H3.1'
3 polymer 'Histone H4'
4 polymer 'Histone H2A type 1-B/E'
5 polymer 'Histone H2B type 1-K'
6 polymer 'DNA (160-MER)'
7 polymer 'DNA (160-MER)'
8 non-polymer 'ZINC ION'
9 non-polymer S-ADENOSYLMETHIONINE
#
loop_
_entity_poly.entity_id
_entity_poly.type
_entity_poly.pdbx_seq_one_letter_code
_entity_poly.pdbx_strand_id
1 'polypeptide(L)'
;MKWLGESKNMVVNGRRNGGKLSNDHQQNQSKLQHTGKDTLKAGKNAVERRSNRCNGNSGFEGQSRYVPSSGMSAKELCEN
DDLATSLVLDPYLGFQTHKMNTSAFPSRSSRHFSKSDSFSHNNPVRFRPIKGRQEELKEVIERFKKDEHLEKAFKCLTSG
EWARHYFLNKNKMQEKLFKEHVFIYLRMFATDSGFEILPCNRYSSEQNGAKIVATKEWKRNDKIELLVGCIAELSEIEEN
MLLRHGENDFSVMYSTRKNCAQLWLGPAAFINHDCRPNCKFVSTGRDTACVKALRDIEPGEEISCYYGDGFFGENNEFCE
CYTCERRGTGAFKSRVGLPAPAPVINSKYGLRETDKRLNRL
;
K
2 'polypeptide(L)'
;MARTKQTARKSTGGKAPRKQLATKAARKSAPATGGVKKPHRYRPGTVALREIRRYQKSTELLIRKLPFQRLVREIAQDFK
TDLRFQSSAVMALQEACEAYLVGLFEDTNLCAIHAKRVTIMPKDIQLARRIRGERA
;
A,E
3 'polypeptide(L)'
;RHRMVLRDNIQGITKPAIRRLARRGGVKRISGLIYEETRGVLKVFLENVIRDAVTYTEHAKRKTVTAMDVVYALKRQGRT
LYGFGG
;
B,F
4 'polypeptide(L)'
;KTRSSRAGLQFPVGRVHRLLRKGNYSERVGAGAPVYLAAVLEYLTAEILELAGNAARDNKKTRIIPRHLQLAIRNDEELN
KLLGRVTIAQGGVLPNIQAVLLPKKTESHHKAKGK
;
C,G
5 'polypeptide(L)'
;RSRKESYSVYVYKVLKQVHPDTGISSKAMGIMNSFVNDIFERIAGEASRLAHYNKRSTITSREIQTAVRLLLPGELAKHA
VSEGTKAVTKYTSAK
;
D,H
6 'polydeoxyribonucleotide'
;(DA)(DT)(DC)(DC)(DG)(DA)(DT)(DC)(DC)(DC)(DC)(DT)(DG)(DG)(DA)(DG)(DA)(DA)(DT)(DC)
(DC)(DC)(DG)(DG)(DT)(DG)(DC)(DC)(DG)(DA)(DG)(DG)(DC)(DC)(DG)(DC)(DT)(DC)(DA)(DA)
(DT)(DT)(DG)(DG)(DT)(DC)(DG)(DT)(DA)(DG)(DA)(DC)(DA)(DG)(DC)(DT)(DC)(DT)(DA)(DG)
(DC)(DA)(DC)(DC)(DG)(DC)(DT)(DT)(DA)(DA)(DA)(DC)(DG)(DC)(DA)(DC)(DG)(DT)(DA)(DC)
(DG)(DC)(DG)(DC)(DT)(DG)(DT)(DC)(DC)(DC)(DC)(DC)(DG)(DC)(DG)(DT)(DT)(DT)(DT)(DA)
(DA)(DC)(DC)(DG)(DC)(DC)(DA)(DA)(DG)(DG)(DG)(DG)(DA)(DT)(DT)(DA)(DC)(DT)(DC)(DC)
(DC)(DT)(DA)(DG)(DT)(DC)(DT)(DC)(DC)(DA)(DG)(DG)(DC)(DA)(DC)(DG)(DT)(DG)(DT)(DC)
(DA)(DG)(DA)(DT)(DA)(DT)(DA)(DT)(DA)(DC)(DA)(DT)(DC)(DC)(DT)(DG)(DT)(DT)(DC)(DC)
;
I
7 'polydeoxyribonucleotide'
;(DG)(DG)(DA)(DA)(DC)(DA)(DG)(DG)(DA)(DT)(DG)(DT)(DA)(DT)(DA)(DT)(DA)(DT)(DC)(DT)
(DG)(DA)(DC)(DA)(DC)(DG)(DT)(DG)(DC)(DC)(DT)(DG)(DG)(DA)(DG)(DA)(DC)(DT)(DA)(DG)
(DG)(DG)(DA)(DG)(DT)(DA)(DA)(DT)(DC)(DC)(DC)(DC)(DT)(DT)(DG)(DG)(DC)(DG)(DG)(DT)
(DT)(DA)(DA)(DA)(DA)(DC)(DG)(DC)(DG)(DG)(DG)(DG)(DG)(DA)(DC)(DA)(DG)(DC)(DG)(DC)
(DG)(DT)(DA)(DC)(DG)(DT)(DG)(DC)(DG)(DT)(DT)(DT)(DA)(DA)(DG)(DC)(DG)(DG)(DT)(DG)
(DC)(DT)(DA)(DG)(DA)(DG)(DC)(DT)(DG)(DT)(DC)(DT)(DA)(DC)(DG)(DA)(DC)(DC)(DA)(DA)
(DT)(DT)(DG)(DA)(DG)(DC)(DG)(DG)(DC)(DC)(DT)(DC)(DG)(DG)(DC)(DA)(DC)(DC)(DG)(DG)
(DG)(DA)(DT)(DT)(DC)(DT)(DC)(DC)(DA)(DG)(DG)(DG)(DG)(DA)(DT)(DC)(DG)(DG)(DA)(DT)
;
J
#
# COMPACT_ATOMS: atom_id res chain seq x y z
N SER A 69 -32.95 19.14 8.23
CA SER A 69 -32.28 18.01 8.84
C SER A 69 -32.92 17.63 10.17
N SER A 70 -33.67 16.53 10.18
CA SER A 70 -34.34 16.06 11.38
C SER A 70 -33.45 15.19 12.26
N GLY A 71 -32.27 14.80 11.78
CA GLY A 71 -31.35 14.07 12.64
C GLY A 71 -30.89 14.88 13.81
N MET A 72 -30.50 16.13 13.56
CA MET A 72 -30.21 17.10 14.61
C MET A 72 -31.47 17.83 15.07
N SER A 73 -32.59 17.64 14.37
CA SER A 73 -33.88 18.24 14.71
C SER A 73 -33.82 19.76 14.65
N ALA A 74 -33.17 20.29 13.61
CA ALA A 74 -33.12 21.74 13.37
C ALA A 74 -33.38 21.96 11.88
N LYS A 75 -34.67 22.08 11.52
CA LYS A 75 -35.02 22.37 10.13
C LYS A 75 -34.82 23.85 9.80
N GLU A 76 -35.05 24.73 10.77
CA GLU A 76 -34.83 26.17 10.61
C GLU A 76 -33.98 26.61 11.80
N LEU A 77 -32.67 26.57 11.61
CA LEU A 77 -31.71 26.88 12.67
C LEU A 77 -31.28 28.35 12.66
N CYS A 78 -31.77 29.13 11.68
CA CYS A 78 -31.23 30.47 11.44
C CYS A 78 -31.35 31.36 12.67
N GLU A 79 -32.46 31.26 13.40
CA GLU A 79 -32.60 32.05 14.62
C GLU A 79 -31.64 31.56 15.71
N ASN A 80 -31.55 30.24 15.89
CA ASN A 80 -30.74 29.69 16.97
C ASN A 80 -29.27 30.04 16.79
N ASP A 81 -28.73 29.82 15.59
CA ASP A 81 -27.31 30.06 15.35
C ASP A 81 -26.99 31.55 15.48
N ASP A 82 -27.85 32.41 14.92
CA ASP A 82 -27.61 33.85 14.99
C ASP A 82 -27.61 34.33 16.43
N LEU A 83 -28.61 33.91 17.21
CA LEU A 83 -28.66 34.32 18.61
C LEU A 83 -27.44 33.80 19.37
N ALA A 84 -27.09 32.53 19.16
CA ALA A 84 -25.97 31.93 19.87
C ALA A 84 -24.67 32.67 19.57
N THR A 85 -24.41 32.93 18.29
CA THR A 85 -23.18 33.65 17.96
C THR A 85 -23.23 35.11 18.40
N SER A 86 -24.42 35.70 18.49
CA SER A 86 -24.50 37.08 18.98
C SER A 86 -24.14 37.16 20.45
N LEU A 87 -24.58 36.20 21.25
CA LEU A 87 -24.25 36.24 22.68
C LEU A 87 -22.81 35.82 22.99
N VAL A 88 -22.06 35.25 22.05
CA VAL A 88 -20.70 34.81 22.32
C VAL A 88 -19.68 35.46 21.39
N LEU A 89 -19.94 35.50 20.09
CA LEU A 89 -18.92 35.91 19.13
C LEU A 89 -19.03 37.36 18.69
N ASP A 90 -20.24 37.92 18.67
CA ASP A 90 -20.41 39.30 18.21
C ASP A 90 -19.70 40.31 19.09
N PRO A 91 -19.80 40.27 20.43
CA PRO A 91 -18.98 41.19 21.23
C PRO A 91 -17.48 41.02 21.01
N TYR A 92 -17.01 39.78 20.80
CA TYR A 92 -15.60 39.56 20.52
C TYR A 92 -15.19 40.24 19.22
N LEU A 93 -15.97 40.03 18.15
CA LEU A 93 -15.76 40.77 16.92
C LEU A 93 -16.08 42.25 17.10
N GLY A 94 -17.15 42.55 17.83
CA GLY A 94 -17.51 43.92 18.10
C GLY A 94 -18.95 44.27 17.78
N PHE A 95 -19.58 43.51 16.88
CA PHE A 95 -20.92 43.84 16.42
C PHE A 95 -21.53 42.62 15.75
N GLN A 96 -22.76 42.78 15.28
CA GLN A 96 -23.51 41.72 14.61
C GLN A 96 -23.47 41.95 13.11
N THR A 97 -23.00 40.95 12.36
CA THR A 97 -22.90 41.05 10.92
C THR A 97 -23.44 39.86 10.14
N HIS A 98 -23.56 38.69 10.75
CA HIS A 98 -24.00 37.51 10.03
C HIS A 98 -25.52 37.55 9.86
N LYS A 99 -26.02 36.73 8.93
CA LYS A 99 -27.43 36.77 8.56
C LYS A 99 -28.32 36.39 9.74
N MET A 100 -29.49 37.03 9.80
CA MET A 100 -30.43 36.84 10.90
C MET A 100 -31.55 35.86 10.59
N ASN A 101 -31.87 35.64 9.31
CA ASN A 101 -32.96 34.75 8.93
C ASN A 101 -32.63 34.08 7.62
N THR A 102 -32.92 32.78 7.53
CA THR A 102 -32.69 31.98 6.34
C THR A 102 -31.26 32.09 5.83
N GLN A 134 -24.73 40.17 26.91
CA GLN A 134 -24.75 41.42 27.67
C GLN A 134 -23.35 42.01 27.78
N GLU A 135 -22.67 41.68 28.87
CA GLU A 135 -21.30 42.17 29.06
C GLU A 135 -20.33 41.43 28.15
N GLU A 136 -19.19 42.06 27.88
CA GLU A 136 -18.19 41.54 26.97
C GLU A 136 -17.15 40.75 27.75
N LEU A 137 -16.88 39.53 27.30
CA LEU A 137 -15.97 38.59 27.97
C LEU A 137 -16.40 38.40 29.42
N LYS A 138 -17.60 37.81 29.56
CA LYS A 138 -18.12 37.53 30.89
C LYS A 138 -17.38 36.37 31.55
N GLU A 139 -17.14 35.29 30.79
CA GLU A 139 -16.34 34.16 31.24
C GLU A 139 -15.01 34.21 30.50
N VAL A 140 -13.93 34.53 31.22
CA VAL A 140 -12.65 34.70 30.58
C VAL A 140 -12.15 33.35 30.03
N ILE A 141 -11.36 33.42 28.98
CA ILE A 141 -10.87 32.21 28.32
C ILE A 141 -10.00 31.40 29.29
N GLU A 142 -9.22 32.08 30.12
CA GLU A 142 -8.32 31.41 31.04
C GLU A 142 -9.08 30.56 32.06
N ARG A 143 -10.22 31.06 32.54
CA ARG A 143 -10.96 30.34 33.58
C ARG A 143 -11.47 29.00 33.07
N PHE A 144 -11.95 28.96 31.83
CA PHE A 144 -12.44 27.70 31.26
C PHE A 144 -11.32 26.68 31.11
N LYS A 145 -10.14 27.13 30.65
CA LYS A 145 -9.04 26.18 30.46
C LYS A 145 -8.47 25.71 31.79
N LYS A 146 -8.45 26.58 32.80
CA LYS A 146 -7.93 26.17 34.12
C LYS A 146 -8.87 25.19 34.78
N ASP A 147 -10.16 25.51 34.82
CA ASP A 147 -11.18 24.65 35.43
C ASP A 147 -12.38 24.57 34.49
N GLU A 148 -12.91 23.36 34.31
CA GLU A 148 -14.00 23.15 33.38
C GLU A 148 -15.25 23.93 33.79
N HIS A 149 -15.86 23.54 34.91
CA HIS A 149 -17.03 24.20 35.48
C HIS A 149 -18.05 24.58 34.40
N LEU A 150 -18.55 23.56 33.71
CA LEU A 150 -19.51 23.79 32.62
C LEU A 150 -20.78 24.44 33.14
N GLU A 151 -21.28 23.98 34.29
CA GLU A 151 -22.48 24.58 34.87
C GLU A 151 -22.22 26.03 35.29
N LYS A 152 -21.03 26.31 35.80
CA LYS A 152 -20.67 27.70 36.12
C LYS A 152 -20.67 28.56 34.87
N ALA A 153 -20.14 28.03 33.76
CA ALA A 153 -20.15 28.78 32.51
C ALA A 153 -21.58 29.02 32.03
N PHE A 154 -22.44 28.01 32.16
CA PHE A 154 -23.84 28.18 31.77
C PHE A 154 -24.53 29.22 32.63
N LYS A 155 -24.25 29.22 33.93
CA LYS A 155 -24.83 30.23 34.82
C LYS A 155 -24.34 31.63 34.45
N CYS A 156 -23.04 31.75 34.12
CA CYS A 156 -22.51 33.03 33.68
C CYS A 156 -23.19 33.48 32.39
N LEU A 157 -23.51 32.53 31.50
CA LEU A 157 -24.27 32.86 30.30
C LEU A 157 -25.65 33.38 30.65
N THR A 158 -26.36 32.66 31.51
CA THR A 158 -27.74 33.02 31.87
C THR A 158 -27.80 34.31 32.68
N SER A 159 -26.68 34.75 33.26
CA SER A 159 -26.69 35.96 34.07
C SER A 159 -27.04 37.21 33.26
N GLY A 160 -26.90 37.15 31.93
CA GLY A 160 -27.22 38.30 31.12
C GLY A 160 -28.71 38.54 30.98
N GLU A 161 -29.07 39.80 30.73
CA GLU A 161 -30.46 40.16 30.55
C GLU A 161 -31.02 39.59 29.25
N TRP A 162 -30.26 39.71 28.16
CA TRP A 162 -30.72 39.15 26.88
C TRP A 162 -30.84 37.64 26.96
N ALA A 163 -29.89 36.97 27.62
CA ALA A 163 -29.97 35.53 27.79
C ALA A 163 -31.19 35.14 28.61
N ARG A 164 -31.47 35.89 29.69
CA ARG A 164 -32.64 35.60 30.51
C ARG A 164 -33.93 35.78 29.71
N HIS A 165 -34.01 36.85 28.91
CA HIS A 165 -35.19 37.08 28.09
C HIS A 165 -35.40 35.96 27.08
N TYR A 166 -34.32 35.56 26.40
CA TYR A 166 -34.43 34.50 25.40
C TYR A 166 -34.79 33.17 26.05
N PHE A 167 -34.23 32.88 27.22
CA PHE A 167 -34.53 31.62 27.90
C PHE A 167 -35.95 31.60 28.45
N LEU A 168 -36.49 32.76 28.81
CA LEU A 168 -37.89 32.82 29.22
C LEU A 168 -38.83 32.76 28.02
N ASN A 169 -38.38 33.24 26.86
CA ASN A 169 -39.25 33.27 25.69
C ASN A 169 -39.63 31.86 25.23
N LYS A 170 -38.68 30.94 25.23
CA LYS A 170 -38.92 29.58 24.79
C LYS A 170 -38.30 28.59 25.78
N ASN A 171 -38.87 27.39 25.82
CA ASN A 171 -38.51 26.39 26.82
C ASN A 171 -38.47 25.03 26.12
N LYS A 172 -38.49 23.96 26.94
CA LYS A 172 -38.51 22.56 26.51
C LYS A 172 -37.48 22.27 25.43
N MET A 173 -37.84 21.46 24.43
CA MET A 173 -36.87 20.91 23.50
C MET A 173 -36.12 22.02 22.75
N GLN A 174 -36.80 23.13 22.44
CA GLN A 174 -36.12 24.26 21.82
C GLN A 174 -35.04 24.80 22.75
N GLU A 175 -35.35 24.94 24.04
CA GLU A 175 -34.35 25.37 25.00
C GLU A 175 -33.21 24.37 25.09
N LYS A 176 -33.52 23.07 24.99
CA LYS A 176 -32.48 22.06 25.04
C LYS A 176 -31.51 22.18 23.87
N LEU A 177 -32.05 22.33 22.65
CA LEU A 177 -31.19 22.51 21.48
C LEU A 177 -30.39 23.80 21.58
N PHE A 178 -31.01 24.89 22.05
CA PHE A 178 -30.28 26.13 22.22
C PHE A 178 -29.15 25.97 23.23
N LYS A 179 -29.42 25.27 24.33
CA LYS A 179 -28.39 25.01 25.33
C LYS A 179 -27.24 24.20 24.75
N GLU A 180 -27.56 23.17 23.97
CA GLU A 180 -26.49 22.36 23.39
C GLU A 180 -25.65 23.18 22.42
N HIS A 181 -26.30 24.01 21.60
CA HIS A 181 -25.55 24.81 20.63
C HIS A 181 -24.65 25.83 21.33
N VAL A 182 -25.16 26.51 22.36
CA VAL A 182 -24.33 27.46 23.07
C VAL A 182 -23.25 26.75 23.88
N PHE A 183 -23.52 25.52 24.35
CA PHE A 183 -22.48 24.75 25.00
C PHE A 183 -21.34 24.43 24.02
N ILE A 184 -21.69 24.09 22.78
CA ILE A 184 -20.65 23.89 21.77
C ILE A 184 -19.87 25.19 21.57
N TYR A 185 -20.59 26.31 21.44
CA TYR A 185 -19.94 27.61 21.24
C TYR A 185 -18.99 27.95 22.38
N LEU A 186 -19.30 27.49 23.59
CA LEU A 186 -18.32 27.60 24.67
C LEU A 186 -17.20 26.58 24.51
N ARG A 187 -17.51 25.41 23.95
CA ARG A 187 -16.55 24.31 23.95
C ARG A 187 -15.37 24.59 23.01
N MET A 188 -15.63 25.05 21.79
CA MET A 188 -14.48 25.11 20.88
C MET A 188 -13.53 26.24 21.24
N PHE A 189 -13.96 27.22 22.01
CA PHE A 189 -13.21 28.46 22.18
C PHE A 189 -12.44 28.39 23.50
N ALA A 190 -11.13 28.14 23.40
CA ALA A 190 -10.26 28.07 24.56
C ALA A 190 -8.83 28.34 24.12
N THR A 191 -7.98 28.66 25.10
CA THR A 191 -6.56 28.87 24.81
C THR A 191 -5.89 27.59 24.34
N ASP A 192 -6.17 26.47 25.01
CA ASP A 192 -5.64 25.19 24.56
C ASP A 192 -6.14 24.84 23.17
N SER A 193 -7.43 25.08 22.92
CA SER A 193 -7.97 24.94 21.57
C SER A 193 -7.29 25.90 20.62
N GLY A 194 -7.02 27.12 21.06
CA GLY A 194 -6.34 28.09 20.22
C GLY A 194 -7.12 28.49 18.99
N PHE A 195 -8.45 28.37 19.03
CA PHE A 195 -9.30 28.73 17.90
C PHE A 195 -9.45 30.24 17.81
N GLU A 196 -8.33 30.92 17.65
CA GLU A 196 -8.34 32.38 17.59
C GLU A 196 -8.78 32.84 16.20
N ILE A 197 -9.40 34.01 16.16
CA ILE A 197 -10.01 34.54 14.94
C ILE A 197 -9.41 35.90 14.65
N LEU A 198 -9.03 36.12 13.39
CA LEU A 198 -8.50 37.39 12.94
C LEU A 198 -9.29 37.91 11.75
N PRO A 199 -9.42 39.22 11.61
CA PRO A 199 -10.05 39.76 10.39
C PRO A 199 -9.15 39.66 9.17
N CYS A 200 -9.48 38.73 8.27
CA CYS A 200 -8.77 38.58 6.99
C CYS A 200 -9.72 39.01 5.89
N ASN A 201 -9.37 40.09 5.19
CA ASN A 201 -10.26 40.66 4.19
CA ASN A 201 -10.26 40.66 4.19
C ASN A 201 -9.61 40.75 2.82
N ARG A 202 -8.94 39.66 2.41
CA ARG A 202 -8.34 39.63 1.09
C ARG A 202 -9.36 39.68 -0.04
N TYR A 203 -10.62 39.38 0.26
CA TYR A 203 -11.64 39.37 -0.79
C TYR A 203 -12.00 40.81 -1.19
N SER A 204 -12.51 40.95 -2.42
CA SER A 204 -12.70 42.27 -3.00
C SER A 204 -13.84 43.04 -2.35
N SER A 205 -14.99 42.39 -2.14
CA SER A 205 -16.19 43.11 -1.73
C SER A 205 -16.56 42.90 -0.26
N GLU A 206 -16.45 41.68 0.26
CA GLU A 206 -16.93 41.40 1.60
C GLU A 206 -16.04 42.07 2.64
N GLN A 207 -16.62 42.31 3.82
CA GLN A 207 -15.94 43.01 4.91
C GLN A 207 -15.94 42.15 6.15
N ASN A 208 -14.95 42.39 7.01
CA ASN A 208 -14.78 41.66 8.27
C ASN A 208 -14.73 40.16 8.05
N GLY A 209 -14.00 39.75 7.00
CA GLY A 209 -13.77 38.34 6.76
C GLY A 209 -12.94 37.71 7.86
N ALA A 210 -13.42 36.60 8.41
CA ALA A 210 -12.77 35.95 9.54
C ALA A 210 -12.00 34.72 9.08
N LYS A 211 -10.84 34.51 9.68
CA LYS A 211 -10.01 33.35 9.42
C LYS A 211 -9.95 32.48 10.67
N ILE A 212 -10.24 31.20 10.51
CA ILE A 212 -10.18 30.24 11.61
C ILE A 212 -8.78 29.68 11.68
N VAL A 213 -8.13 29.83 12.83
CA VAL A 213 -6.75 29.41 13.04
C VAL A 213 -6.68 28.65 14.35
N ALA A 214 -6.00 27.50 14.34
CA ALA A 214 -5.80 26.68 15.53
C ALA A 214 -4.32 26.61 15.86
N THR A 215 -3.99 26.81 17.13
CA THR A 215 -2.60 26.80 17.57
C THR A 215 -2.27 25.44 18.22
N LYS A 216 -2.13 24.43 17.36
CA LYS A 216 -1.68 23.11 17.79
C LYS A 216 -0.82 22.51 16.68
N GLU A 217 -0.02 21.50 17.03
CA GLU A 217 0.86 20.84 16.04
C GLU A 217 0.35 19.41 15.79
N TRP A 218 0.13 19.05 14.52
CA TRP A 218 -0.40 17.70 14.19
C TRP A 218 0.06 17.32 12.78
N LYS A 219 0.00 16.02 12.45
CA LYS A 219 0.53 15.54 11.14
C LYS A 219 -0.50 14.60 10.52
N ARG A 220 -0.50 14.48 9.18
CA ARG A 220 -1.54 13.67 8.50
C ARG A 220 -2.88 14.20 9.01
N ASN A 221 -3.79 13.31 9.43
CA ASN A 221 -5.12 13.81 9.85
C ASN A 221 -5.65 12.98 10.99
N ASP A 222 -6.67 13.51 11.68
CA ASP A 222 -7.33 12.73 12.76
C ASP A 222 -8.77 13.22 12.87
N LYS A 223 -9.50 12.76 13.88
CA LYS A 223 -10.86 13.22 14.16
C LYS A 223 -10.77 14.52 14.97
N ILE A 224 -11.35 15.58 14.44
CA ILE A 224 -11.31 16.90 15.07
C ILE A 224 -12.72 17.17 15.59
N GLU A 225 -12.98 16.83 16.84
CA GLU A 225 -14.22 17.21 17.50
C GLU A 225 -14.18 18.65 17.98
N LEU A 226 -12.99 19.25 18.06
CA LEU A 226 -12.87 20.63 18.51
C LEU A 226 -13.55 21.59 17.55
N LEU A 227 -13.40 21.37 16.24
CA LEU A 227 -14.05 22.17 15.22
C LEU A 227 -15.20 21.38 14.64
N VAL A 228 -16.38 21.99 14.57
CA VAL A 228 -17.59 21.32 14.11
C VAL A 228 -18.47 22.33 13.40
N GLY A 229 -19.33 21.83 12.52
CA GLY A 229 -20.32 22.66 11.85
C GLY A 229 -21.60 21.90 11.61
N CYS A 230 -22.73 22.44 12.06
CA CYS A 230 -23.99 21.74 11.92
C CYS A 230 -24.52 21.86 10.49
N ILE A 231 -25.55 21.09 10.19
CA ILE A 231 -26.09 20.95 8.85
C ILE A 231 -27.60 21.12 8.90
N ALA A 232 -28.19 21.50 7.77
CA ALA A 232 -29.64 21.70 7.66
C ALA A 232 -30.09 21.25 6.28
N GLU A 233 -30.76 20.10 6.22
CA GLU A 233 -31.32 19.61 4.97
C GLU A 233 -32.49 20.50 4.53
N LEU A 234 -32.53 20.82 3.24
CA LEU A 234 -33.56 21.72 2.73
C LEU A 234 -33.64 21.56 1.21
N SER A 235 -34.85 21.28 0.72
CA SER A 235 -35.07 21.12 -0.70
C SER A 235 -35.02 22.47 -1.42
N GLU A 236 -34.46 22.48 -2.63
CA GLU A 236 -34.25 23.73 -3.35
C GLU A 236 -35.57 24.44 -3.65
N ILE A 237 -36.67 23.69 -3.79
CA ILE A 237 -37.95 24.33 -4.06
C ILE A 237 -38.43 25.05 -2.81
N GLU A 238 -39.33 26.02 -3.03
CA GLU A 238 -39.86 26.93 -2.01
C GLU A 238 -38.79 27.35 -1.01
N GLU A 239 -37.59 27.66 -1.53
CA GLU A 239 -36.46 27.96 -0.67
C GLU A 239 -36.69 29.26 0.09
N ASN A 240 -36.37 29.24 1.38
CA ASN A 240 -36.40 30.45 2.20
C ASN A 240 -35.18 31.33 1.96
N MET A 241 -34.12 30.77 1.39
CA MET A 241 -32.87 31.48 1.10
C MET A 241 -32.84 32.08 -0.30
N LEU A 242 -33.92 32.78 -0.65
CA LEU A 242 -34.02 33.41 -1.96
C LEU A 242 -33.29 34.75 -2.05
N LEU A 243 -32.80 35.27 -0.93
CA LEU A 243 -32.18 36.61 -0.90
C LEU A 243 -30.80 36.51 -1.54
N ARG A 244 -30.79 36.45 -2.87
CA ARG A 244 -29.58 36.26 -3.67
C ARG A 244 -28.73 35.14 -3.07
N HIS A 245 -29.31 33.93 -3.11
CA HIS A 245 -28.78 32.76 -2.44
C HIS A 245 -28.78 32.93 -0.93
N GLY A 246 -29.72 33.72 -0.42
CA GLY A 246 -29.99 33.81 1.00
C GLY A 246 -29.17 34.82 1.76
N GLU A 247 -28.08 35.32 1.19
CA GLU A 247 -27.14 36.20 1.88
C GLU A 247 -26.68 35.57 3.21
N ASN A 248 -26.01 34.41 3.06
CA ASN A 248 -25.44 33.69 4.19
C ASN A 248 -24.02 33.23 3.86
N ASP A 249 -23.29 34.03 3.08
CA ASP A 249 -21.98 33.67 2.56
C ASP A 249 -22.04 32.39 1.72
N PHE A 250 -23.21 32.09 1.15
CA PHE A 250 -23.40 30.92 0.30
C PHE A 250 -23.00 29.63 1.01
N SER A 251 -23.35 29.53 2.30
CA SER A 251 -22.97 28.37 3.10
C SER A 251 -23.76 27.13 2.74
N VAL A 252 -24.79 27.23 1.90
CA VAL A 252 -25.55 26.06 1.50
C VAL A 252 -24.67 25.17 0.61
N MET A 253 -24.73 23.87 0.88
CA MET A 253 -23.94 22.89 0.15
C MET A 253 -24.84 22.05 -0.75
N TYR A 254 -24.19 21.28 -1.62
CA TYR A 254 -24.87 20.35 -2.51
C TYR A 254 -24.33 18.95 -2.28
N SER A 255 -25.23 17.97 -2.26
CA SER A 255 -24.86 16.58 -1.99
C SER A 255 -24.90 15.81 -3.31
N THR A 256 -23.90 14.96 -3.52
CA THR A 256 -23.83 14.21 -4.76
C THR A 256 -24.86 13.08 -4.78
N ARG A 257 -24.98 12.34 -3.68
CA ARG A 257 -25.82 11.14 -3.68
C ARG A 257 -27.29 11.49 -3.85
N LYS A 258 -27.78 12.45 -3.08
CA LYS A 258 -29.15 12.95 -3.22
C LYS A 258 -29.07 14.38 -3.72
N ASN A 259 -29.90 14.71 -4.71
CA ASN A 259 -29.80 16.00 -5.39
C ASN A 259 -30.23 17.14 -4.47
N CYS A 260 -30.82 16.81 -3.33
CA CYS A 260 -31.36 17.82 -2.41
C CYS A 260 -30.28 18.77 -1.94
N ALA A 261 -30.63 20.05 -1.82
CA ALA A 261 -29.72 21.05 -1.30
C ALA A 261 -29.52 20.85 0.20
N GLN A 262 -28.43 21.42 0.71
CA GLN A 262 -28.00 21.19 2.09
C GLN A 262 -27.46 22.48 2.67
N LEU A 263 -28.18 23.04 3.64
CA LEU A 263 -27.69 24.22 4.34
C LEU A 263 -26.70 23.82 5.42
N TRP A 264 -25.46 24.24 5.25
CA TRP A 264 -24.37 23.88 6.16
C TRP A 264 -23.76 25.15 6.75
N LEU A 265 -24.09 25.44 8.00
CA LEU A 265 -23.58 26.62 8.67
C LEU A 265 -23.42 26.31 10.15
N GLY A 266 -22.31 26.76 10.72
CA GLY A 266 -22.05 26.56 12.13
C GLY A 266 -20.83 27.35 12.55
N PRO A 267 -20.13 26.88 13.57
CA PRO A 267 -18.85 27.51 13.91
C PRO A 267 -17.87 27.53 12.75
N ALA A 268 -17.79 26.44 12.00
CA ALA A 268 -16.94 26.36 10.81
C ALA A 268 -17.76 26.67 9.55
N ALA A 269 -18.43 27.82 9.56
CA ALA A 269 -19.24 28.24 8.42
C ALA A 269 -18.50 29.23 7.53
N PHE A 270 -17.21 29.43 7.78
CA PHE A 270 -16.41 30.35 6.98
C PHE A 270 -14.98 29.83 6.97
N ILE A 271 -14.46 29.50 5.79
CA ILE A 271 -13.17 28.84 5.67
C ILE A 271 -12.43 29.44 4.48
N ASN A 272 -11.10 29.48 4.59
CA ASN A 272 -10.28 29.94 3.48
C ASN A 272 -10.25 28.90 2.37
N HIS A 273 -9.77 29.32 1.21
CA HIS A 273 -9.65 28.43 0.06
C HIS A 273 -8.30 28.65 -0.62
N ASP A 274 -7.69 27.55 -1.03
CA ASP A 274 -6.41 27.58 -1.72
C ASP A 274 -6.40 26.53 -2.81
N CYS A 275 -5.44 26.65 -3.72
CA CYS A 275 -5.24 25.60 -4.71
C CYS A 275 -4.62 24.36 -4.08
N ARG A 276 -3.83 24.54 -3.02
CA ARG A 276 -3.21 23.44 -2.29
C ARG A 276 -3.50 23.60 -0.80
N PRO A 277 -4.72 23.31 -0.37
CA PRO A 277 -5.06 23.43 1.05
C PRO A 277 -4.60 22.23 1.86
N ASN A 278 -4.98 22.20 3.13
CA ASN A 278 -4.63 21.10 4.02
C ASN A 278 -5.83 20.46 4.71
N CYS A 279 -7.04 20.95 4.46
CA CYS A 279 -8.23 20.39 5.08
C CYS A 279 -9.31 20.18 4.02
N LYS A 280 -10.07 19.11 4.19
CA LYS A 280 -11.15 18.73 3.28
C LYS A 280 -12.39 18.39 4.10
N PHE A 281 -13.50 18.15 3.41
CA PHE A 281 -14.75 17.77 4.06
C PHE A 281 -14.98 16.28 3.87
N VAL A 282 -15.23 15.58 4.98
CA VAL A 282 -15.57 14.17 4.97
C VAL A 282 -17.05 14.05 5.31
N SER A 283 -17.70 13.00 4.80
CA SER A 283 -19.15 12.89 4.89
C SER A 283 -19.59 11.68 5.71
N THR A 284 -18.97 11.49 6.87
CA THR A 284 -19.37 10.40 7.75
C THR A 284 -20.83 10.53 8.13
N GLY A 285 -21.54 9.40 8.13
CA GLY A 285 -22.95 9.40 8.41
C GLY A 285 -23.77 10.01 7.29
N ARG A 286 -25.08 9.76 7.29
CA ARG A 286 -25.92 10.26 6.21
C ARG A 286 -26.03 11.77 6.25
N ASP A 287 -26.17 12.35 7.44
CA ASP A 287 -26.26 13.80 7.59
C ASP A 287 -25.31 14.33 8.67
N THR A 288 -24.21 13.64 8.90
CA THR A 288 -23.27 14.01 9.96
C THR A 288 -21.92 14.40 9.36
N ALA A 289 -21.97 15.20 8.29
CA ALA A 289 -20.76 15.57 7.55
C ALA A 289 -19.97 16.58 8.38
N CYS A 290 -19.11 16.08 9.25
CA CYS A 290 -18.15 16.89 9.97
C CYS A 290 -16.81 16.85 9.24
N VAL A 291 -15.95 17.82 9.56
CA VAL A 291 -14.73 18.01 8.78
C VAL A 291 -13.76 16.84 8.97
N LYS A 292 -13.25 16.66 10.19
CA LYS A 292 -12.38 15.55 10.59
C LYS A 292 -11.36 15.16 9.52
N ALA A 293 -10.86 16.14 8.77
CA ALA A 293 -9.87 15.90 7.73
C ALA A 293 -8.81 16.98 7.84
N LEU A 294 -7.54 16.57 7.84
CA LEU A 294 -6.50 17.48 8.29
C LEU A 294 -5.17 17.07 7.68
N ARG A 295 -4.22 18.00 7.72
CA ARG A 295 -2.87 17.79 7.23
C ARG A 295 -1.91 18.55 8.13
N ASP A 296 -0.62 18.20 8.04
CA ASP A 296 0.38 18.85 8.88
C ASP A 296 0.48 20.32 8.56
N ILE A 297 0.49 21.16 9.59
CA ILE A 297 0.61 22.60 9.48
C ILE A 297 1.56 23.08 10.57
N GLU A 298 1.75 24.40 10.63
CA GLU A 298 2.43 24.91 11.81
C GLU A 298 1.39 25.41 12.81
N PRO A 299 1.69 25.35 14.11
CA PRO A 299 0.68 25.75 15.11
C PRO A 299 0.40 27.24 15.07
N GLY A 300 -0.78 27.61 14.59
CA GLY A 300 -1.14 29.01 14.50
C GLY A 300 -1.05 29.58 13.10
N GLU A 301 -1.48 28.81 12.10
CA GLU A 301 -1.51 29.27 10.72
C GLU A 301 -2.93 29.17 10.18
N GLU A 302 -3.14 29.78 9.01
CA GLU A 302 -4.45 29.79 8.40
C GLU A 302 -4.87 28.38 7.99
N ILE A 303 -6.19 28.16 8.01
CA ILE A 303 -6.78 26.90 7.57
C ILE A 303 -7.59 27.18 6.32
N SER A 304 -7.35 26.40 5.28
CA SER A 304 -8.06 26.55 4.01
C SER A 304 -8.59 25.20 3.57
N CYS A 305 -9.71 25.23 2.84
CA CYS A 305 -10.35 24.03 2.34
C CYS A 305 -10.50 24.13 0.82
N TYR A 306 -10.22 23.03 0.13
CA TYR A 306 -10.33 23.00 -1.32
C TYR A 306 -11.80 22.93 -1.66
N TYR A 307 -12.38 24.09 -2.00
CA TYR A 307 -13.77 24.11 -2.46
C TYR A 307 -13.96 23.29 -3.73
N GLY A 308 -12.92 23.17 -4.56
CA GLY A 308 -13.02 22.39 -5.78
C GLY A 308 -12.88 23.23 -7.03
N ASP A 309 -13.88 23.17 -7.90
CA ASP A 309 -13.86 23.92 -9.15
C ASP A 309 -14.26 25.37 -8.87
N GLY A 310 -14.51 26.13 -9.94
CA GLY A 310 -14.88 27.52 -9.79
C GLY A 310 -16.14 27.74 -8.98
N PHE A 311 -16.00 28.48 -7.88
CA PHE A 311 -17.16 28.81 -7.05
C PHE A 311 -18.13 29.73 -7.80
N PHE A 312 -17.60 30.63 -8.62
CA PHE A 312 -18.42 31.49 -9.47
C PHE A 312 -17.87 31.49 -10.88
N GLY A 313 -18.75 31.76 -11.84
CA GLY A 313 -18.34 31.75 -13.24
C GLY A 313 -17.90 30.37 -13.68
N GLU A 314 -16.86 30.33 -14.50
CA GLU A 314 -16.30 29.07 -15.00
C GLU A 314 -14.79 29.07 -14.80
N ASN A 315 -14.28 27.94 -14.30
CA ASN A 315 -12.85 27.71 -14.14
C ASN A 315 -12.18 28.79 -13.30
N ASN A 316 -12.81 29.10 -12.16
CA ASN A 316 -12.26 30.04 -11.18
C ASN A 316 -11.94 31.39 -11.81
N GLU A 317 -12.84 31.89 -12.65
CA GLU A 317 -12.62 33.14 -13.35
C GLU A 317 -12.65 34.36 -12.42
N PHE A 318 -13.11 34.20 -11.18
CA PHE A 318 -13.06 35.26 -10.17
C PHE A 318 -12.27 34.84 -8.94
N CYS A 319 -11.53 33.73 -9.01
CA CYS A 319 -10.80 33.24 -7.85
C CYS A 319 -9.71 34.23 -7.43
N GLU A 320 -9.62 34.47 -6.13
CA GLU A 320 -8.62 35.37 -5.56
C GLU A 320 -7.67 34.66 -4.62
N CYS A 321 -7.64 33.32 -4.68
CA CYS A 321 -6.80 32.53 -3.79
C CYS A 321 -5.33 32.87 -3.98
N TYR A 322 -4.52 32.44 -3.01
CA TYR A 322 -3.10 32.79 -2.99
C TYR A 322 -2.41 32.42 -4.30
N THR A 323 -2.57 31.17 -4.73
CA THR A 323 -1.91 30.73 -5.96
C THR A 323 -2.46 31.46 -7.17
N CYS A 324 -3.77 31.74 -7.19
CA CYS A 324 -4.36 32.41 -8.34
C CYS A 324 -3.78 33.80 -8.54
N GLU A 325 -3.63 34.57 -7.46
CA GLU A 325 -3.10 35.92 -7.59
C GLU A 325 -1.57 35.95 -7.59
N ARG A 326 -0.92 34.85 -7.21
CA ARG A 326 0.50 34.69 -7.54
C ARG A 326 0.71 34.33 -8.99
N ARG A 327 -0.32 33.80 -9.65
CA ARG A 327 -0.30 33.58 -11.09
C ARG A 327 -1.04 34.67 -11.85
N GLY A 328 -1.40 35.77 -11.19
CA GLY A 328 -1.95 36.94 -11.84
C GLY A 328 -3.46 36.95 -12.01
N THR A 329 -4.16 35.87 -11.65
CA THR A 329 -5.63 35.77 -11.78
C THR A 329 -5.95 36.01 -13.24
N GLY A 330 -6.80 36.99 -13.58
CA GLY A 330 -7.07 37.30 -14.97
C GLY A 330 -6.14 38.38 -15.49
N ALA A 331 -5.52 39.13 -14.58
CA ALA A 331 -4.58 40.17 -14.98
C ALA A 331 -3.35 39.59 -15.66
N PHE A 332 -2.85 38.47 -15.16
CA PHE A 332 -1.72 37.78 -15.75
C PHE A 332 -2.02 36.29 -15.82
N LYS A 333 -1.39 35.62 -16.80
CA LYS A 333 -1.50 34.17 -16.88
C LYS A 333 -0.62 33.48 -15.84
N SER A 334 0.54 34.05 -15.55
CA SER A 334 1.45 33.50 -14.56
C SER A 334 1.94 34.58 -13.60
N PRO A 341 8.34 27.95 -3.27
CA PRO A 341 9.24 27.78 -2.12
C PRO A 341 9.67 26.34 -1.91
N ALA A 342 10.86 25.99 -2.41
CA ALA A 342 11.38 24.65 -2.25
C ALA A 342 12.86 24.69 -1.91
N PRO A 343 13.34 23.76 -1.08
CA PRO A 343 14.79 23.70 -0.82
C PRO A 343 15.53 23.19 -2.05
N VAL A 344 16.28 24.09 -2.69
CA VAL A 344 17.00 23.78 -3.91
C VAL A 344 18.46 24.19 -3.70
N ILE A 345 19.34 23.20 -3.55
CA ILE A 345 20.74 23.49 -3.26
C ILE A 345 21.47 23.97 -4.50
N ASN A 346 21.24 23.32 -5.64
CA ASN A 346 21.96 23.61 -6.87
C ASN A 346 21.07 24.42 -7.80
N SER A 347 21.69 25.38 -8.50
CA SER A 347 20.97 26.11 -9.53
C SER A 347 20.55 25.18 -10.66
N LYS A 348 21.41 24.23 -11.02
CA LYS A 348 21.09 23.29 -12.10
C LYS A 348 19.94 22.37 -11.71
N TYR A 349 20.01 21.76 -10.54
CA TYR A 349 19.00 20.80 -10.12
C TYR A 349 17.78 21.51 -9.54
N GLY A 350 16.68 20.78 -9.53
CA GLY A 350 15.49 21.22 -8.81
C GLY A 350 15.00 20.16 -7.85
N LEU A 351 15.09 20.39 -6.53
CA LEU A 351 14.79 19.30 -5.57
C LEU A 351 13.34 19.29 -5.03
N ARG A 352 13.15 19.11 -3.72
CA ARG A 352 11.77 18.94 -3.18
C ARG A 352 11.49 19.85 -1.99
N GLU A 353 10.23 19.97 -1.54
CA GLU A 353 9.93 20.71 -0.28
C GLU A 353 9.65 19.68 0.81
N THR A 354 10.59 19.46 1.74
CA THR A 354 10.43 18.35 2.74
C THR A 354 9.72 18.76 4.04
N ASP A 355 9.54 20.06 4.30
CA ASP A 355 8.94 20.55 5.58
C ASP A 355 9.97 20.51 6.72
N LYS A 356 11.25 20.26 6.40
CA LYS A 356 12.32 20.20 7.43
C LYS A 356 13.52 21.01 6.94
N ARG A 357 13.79 20.97 5.64
CA ARG A 357 14.89 21.76 5.08
C ARG A 357 14.52 23.23 5.03
N LEU A 358 13.25 23.55 4.74
CA LEU A 358 12.81 24.93 4.71
C LEU A 358 12.96 25.60 6.07
N ASN A 359 12.63 24.88 7.14
CA ASN A 359 12.81 25.44 8.47
C ASN A 359 14.28 25.44 8.90
N ARG A 360 15.08 24.54 8.33
CA ARG A 360 16.46 24.42 8.79
C ARG A 360 17.39 25.40 8.08
N LEU A 361 17.59 25.22 6.77
CA LEU A 361 18.68 25.90 6.03
C LEU A 361 19.97 25.96 6.85
N GLY B 35 20.49 -0.73 51.69
CA GLY B 35 21.31 -0.90 52.88
C GLY B 35 22.77 -1.16 52.57
N VAL B 36 23.65 -0.53 53.35
CA VAL B 36 25.08 -0.68 53.12
C VAL B 36 25.57 -2.08 53.46
N LYS B 37 24.89 -2.76 54.38
CA LYS B 37 25.36 -4.08 54.83
C LYS B 37 25.33 -5.08 53.69
N LYS B 38 24.20 -5.20 53.01
CA LYS B 38 24.10 -6.11 51.86
C LYS B 38 24.56 -5.38 50.61
N PRO B 39 24.48 -6.02 49.43
CA PRO B 39 24.98 -5.39 48.21
C PRO B 39 24.42 -3.98 48.01
N HIS B 40 25.21 -3.14 47.33
CA HIS B 40 24.88 -1.72 47.24
C HIS B 40 23.52 -1.50 46.61
N ARG B 41 23.29 -2.10 45.44
CA ARG B 41 22.04 -1.93 44.73
C ARG B 41 21.60 -3.25 44.15
N TYR B 42 20.33 -3.33 43.78
CA TYR B 42 19.81 -4.45 43.02
C TYR B 42 18.59 -3.90 42.28
N ARG B 43 18.76 -3.61 41.00
CA ARG B 43 17.75 -2.86 40.26
C ARG B 43 16.42 -3.60 40.26
N PRO B 44 15.33 -2.95 40.68
CA PRO B 44 14.08 -3.68 40.92
C PRO B 44 13.41 -4.22 39.67
N GLY B 45 13.24 -3.35 38.66
CA GLY B 45 12.42 -3.69 37.53
C GLY B 45 13.23 -4.15 36.34
N THR B 46 13.41 -3.28 35.35
CA THR B 46 14.10 -3.63 34.13
C THR B 46 15.34 -2.76 33.94
N VAL B 47 16.47 -3.42 33.69
CA VAL B 47 17.65 -2.78 33.15
C VAL B 47 17.75 -3.07 31.64
N ALA B 48 16.72 -3.72 31.09
CA ALA B 48 16.70 -4.07 29.68
C ALA B 48 16.46 -2.86 28.78
N LEU B 49 15.96 -1.75 29.32
CA LEU B 49 15.81 -0.55 28.51
C LEU B 49 17.17 -0.03 28.05
N ARG B 50 18.18 -0.10 28.93
CA ARG B 50 19.52 0.30 28.53
C ARG B 50 20.05 -0.60 27.43
N GLU B 51 19.80 -1.90 27.53
CA GLU B 51 20.20 -2.82 26.46
C GLU B 51 19.48 -2.50 25.16
N ILE B 52 18.19 -2.16 25.26
CA ILE B 52 17.43 -1.80 24.07
C ILE B 52 18.04 -0.58 23.39
N ARG B 53 18.33 0.46 24.18
CA ARG B 53 18.91 1.67 23.61
C ARG B 53 20.27 1.40 22.99
N ARG B 54 21.12 0.64 23.69
CA ARG B 54 22.46 0.35 23.18
C ARG B 54 22.39 -0.46 21.89
N TYR B 55 21.53 -1.48 21.84
CA TYR B 55 21.47 -2.36 20.70
C TYR B 55 20.67 -1.80 19.55
N GLN B 56 19.88 -0.75 19.77
CA GLN B 56 19.26 -0.04 18.66
C GLN B 56 20.16 1.06 18.11
N LYS B 57 21.04 1.61 18.95
CA LYS B 57 22.04 2.55 18.45
C LYS B 57 23.17 1.83 17.71
N SER B 58 23.43 0.57 18.04
CA SER B 58 24.54 -0.17 17.46
C SER B 58 24.19 -0.64 16.05
N THR B 59 25.21 -1.14 15.34
CA THR B 59 25.04 -1.55 13.95
C THR B 59 25.65 -2.92 13.66
N GLU B 60 26.67 -3.32 14.43
CA GLU B 60 27.42 -4.52 14.10
C GLU B 60 26.57 -5.78 14.25
N LEU B 61 27.13 -6.91 13.81
CA LEU B 61 26.43 -8.18 13.86
C LEU B 61 26.34 -8.71 15.28
N LEU B 62 25.26 -9.41 15.58
CA LEU B 62 24.97 -9.87 16.93
C LEU B 62 24.93 -11.39 17.05
N ILE B 63 25.55 -12.11 16.11
CA ILE B 63 25.63 -13.56 16.16
C ILE B 63 27.07 -13.98 15.84
N ARG B 64 27.54 -15.01 16.53
CA ARG B 64 28.88 -15.52 16.29
C ARG B 64 29.00 -16.09 14.88
N LYS B 65 30.23 -16.10 14.36
CA LYS B 65 30.45 -16.39 12.95
C LYS B 65 30.74 -17.87 12.68
N LEU B 66 31.63 -18.47 13.47
CA LEU B 66 31.97 -19.88 13.24
C LEU B 66 30.77 -20.82 13.40
N PRO B 67 29.95 -20.71 14.44
CA PRO B 67 28.74 -21.57 14.49
C PRO B 67 27.83 -21.36 13.31
N PHE B 68 27.67 -20.12 12.84
CA PHE B 68 26.80 -19.86 11.69
C PHE B 68 27.35 -20.52 10.44
N GLN B 69 28.66 -20.42 10.22
CA GLN B 69 29.27 -21.07 9.07
C GLN B 69 29.10 -22.58 9.14
N ARG B 70 29.30 -23.15 10.32
CA ARG B 70 29.14 -24.59 10.48
C ARG B 70 27.69 -25.02 10.19
N LEU B 71 26.73 -24.24 10.68
CA LEU B 71 25.32 -24.55 10.42
C LEU B 71 25.00 -24.46 8.93
N VAL B 72 25.52 -23.43 8.26
CA VAL B 72 25.26 -23.27 6.83
C VAL B 72 25.82 -24.46 6.05
N ARG B 73 27.05 -24.87 6.39
CA ARG B 73 27.64 -26.02 5.70
C ARG B 73 26.86 -27.30 5.98
N GLU B 74 26.41 -27.48 7.23
CA GLU B 74 25.58 -28.64 7.54
C GLU B 74 24.32 -28.68 6.68
N ILE B 75 23.64 -27.54 6.56
CA ILE B 75 22.42 -27.50 5.77
C ILE B 75 22.73 -27.81 4.31
N ALA B 76 23.79 -27.21 3.77
CA ALA B 76 24.14 -27.44 2.37
C ALA B 76 24.69 -28.84 2.12
N GLN B 77 25.00 -29.60 3.19
CA GLN B 77 25.56 -30.94 2.99
C GLN B 77 24.63 -31.85 2.21
N ASP B 78 23.33 -31.83 2.51
CA ASP B 78 22.43 -32.82 1.93
C ASP B 78 22.12 -32.53 0.46
N PHE B 79 22.09 -31.25 0.07
CA PHE B 79 21.74 -30.92 -1.31
C PHE B 79 22.83 -31.32 -2.29
N LYS B 80 24.09 -31.24 -1.87
CA LYS B 80 25.21 -31.62 -2.72
C LYS B 80 26.40 -32.01 -1.86
N THR B 81 27.18 -32.96 -2.36
CA THR B 81 28.33 -33.48 -1.63
C THR B 81 29.61 -32.79 -2.08
N ASP B 82 30.47 -32.46 -1.11
CA ASP B 82 31.77 -31.87 -1.35
C ASP B 82 31.65 -30.56 -2.14
N LEU B 83 30.98 -29.59 -1.51
CA LEU B 83 30.84 -28.25 -2.07
C LEU B 83 31.88 -27.32 -1.47
N ARG B 84 31.90 -26.09 -1.99
CA ARG B 84 32.80 -25.06 -1.50
C ARG B 84 32.03 -23.75 -1.43
N PHE B 85 32.50 -22.85 -0.57
CA PHE B 85 31.82 -21.60 -0.30
C PHE B 85 32.81 -20.45 -0.33
N GLN B 86 32.31 -19.26 -0.65
CA GLN B 86 33.08 -18.04 -0.54
C GLN B 86 32.74 -17.34 0.77
N SER B 87 33.70 -16.59 1.31
CA SER B 87 33.47 -15.87 2.55
C SER B 87 32.34 -14.85 2.39
N SER B 88 32.31 -14.16 1.25
CA SER B 88 31.26 -13.18 0.99
C SER B 88 29.89 -13.83 0.97
N ALA B 89 29.80 -15.07 0.50
CA ALA B 89 28.52 -15.77 0.48
C ALA B 89 27.99 -15.99 1.88
N VAL B 90 28.84 -16.50 2.78
CA VAL B 90 28.43 -16.71 4.15
C VAL B 90 28.07 -15.39 4.81
N MET B 91 28.84 -14.33 4.50
CA MET B 91 28.52 -13.02 5.05
C MET B 91 27.15 -12.54 4.57
N ALA B 92 26.83 -12.76 3.30
CA ALA B 92 25.52 -12.37 2.79
C ALA B 92 24.40 -13.15 3.47
N LEU B 93 24.59 -14.47 3.66
CA LEU B 93 23.59 -15.24 4.39
C LEU B 93 23.39 -14.70 5.80
N GLN B 94 24.48 -14.39 6.49
CA GLN B 94 24.35 -13.87 7.85
C GLN B 94 23.65 -12.52 7.87
N GLU B 95 23.97 -11.65 6.92
CA GLU B 95 23.33 -10.33 6.90
C GLU B 95 21.85 -10.45 6.56
N ALA B 96 21.47 -11.44 5.76
CA ALA B 96 20.08 -11.57 5.36
C ALA B 96 19.20 -12.06 6.51
N CYS B 97 19.69 -13.05 7.27
CA CYS B 97 18.86 -13.69 8.28
C CYS B 97 18.60 -12.79 9.49
N GLU B 98 19.55 -11.92 9.83
CA GLU B 98 19.39 -11.09 11.01
C GLU B 98 18.22 -10.12 10.86
N ALA B 99 18.07 -9.54 9.67
CA ALA B 99 16.97 -8.60 9.46
C ALA B 99 15.62 -9.29 9.58
N TYR B 100 15.52 -10.52 9.09
CA TYR B 100 14.26 -11.27 9.15
C TYR B 100 13.82 -11.49 10.59
N LEU B 101 14.74 -11.96 11.44
CA LEU B 101 14.38 -12.23 12.83
C LEU B 101 14.04 -10.94 13.57
N VAL B 102 14.75 -9.85 13.26
CA VAL B 102 14.44 -8.57 13.90
C VAL B 102 13.03 -8.12 13.51
N GLY B 103 12.68 -8.24 12.23
CA GLY B 103 11.32 -7.90 11.82
C GLY B 103 10.28 -8.78 12.47
N LEU B 104 10.56 -10.08 12.58
CA LEU B 104 9.62 -10.99 13.21
C LEU B 104 9.42 -10.65 14.68
N PHE B 105 10.49 -10.32 15.39
CA PHE B 105 10.35 -9.90 16.78
C PHE B 105 9.58 -8.60 16.91
N GLU B 106 9.81 -7.65 16.02
CA GLU B 106 9.02 -6.42 16.05
C GLU B 106 7.53 -6.72 15.88
N ASP B 107 7.21 -7.57 14.91
CA ASP B 107 5.81 -7.91 14.66
C ASP B 107 5.19 -8.65 15.84
N THR B 108 5.92 -9.61 16.42
CA THR B 108 5.35 -10.36 17.52
C THR B 108 5.21 -9.49 18.78
N ASN B 109 6.10 -8.51 18.96
CA ASN B 109 5.90 -7.55 20.04
C ASN B 109 4.63 -6.74 19.82
N LEU B 110 4.42 -6.25 18.60
CA LEU B 110 3.21 -5.50 18.31
C LEU B 110 1.96 -6.35 18.54
N CYS B 111 2.04 -7.64 18.22
CA CYS B 111 0.91 -8.53 18.49
C CYS B 111 0.71 -8.76 19.98
N ALA B 112 1.80 -8.89 20.73
CA ALA B 112 1.70 -9.13 22.17
C ALA B 112 1.30 -7.89 22.95
N ILE B 113 1.32 -6.70 22.33
CA ILE B 113 0.73 -5.54 22.98
C ILE B 113 -0.76 -5.75 23.22
N HIS B 114 -1.42 -6.47 22.31
CA HIS B 114 -2.79 -6.91 22.56
C HIS B 114 -2.82 -7.89 23.72
N ALA B 115 -4.03 -8.29 24.11
CA ALA B 115 -4.30 -9.15 25.26
C ALA B 115 -3.81 -8.55 26.56
N LYS B 116 -3.43 -7.26 26.56
CA LYS B 116 -2.97 -6.55 27.75
C LYS B 116 -1.83 -7.28 28.43
N ARG B 117 -0.84 -7.70 27.64
CA ARG B 117 0.32 -8.41 28.14
C ARG B 117 1.58 -7.64 27.78
N VAL B 118 2.68 -8.01 28.44
CA VAL B 118 4.00 -7.48 28.15
C VAL B 118 4.96 -8.55 27.68
N THR B 119 4.94 -9.72 28.32
CA THR B 119 5.76 -10.84 27.89
C THR B 119 5.26 -11.38 26.55
N ILE B 120 6.20 -11.86 25.74
CA ILE B 120 5.88 -12.45 24.44
C ILE B 120 5.90 -13.96 24.55
N MET B 121 5.00 -14.62 23.84
CA MET B 121 4.79 -16.06 23.90
C MET B 121 4.75 -16.62 22.50
N PRO B 122 4.99 -17.94 22.34
CA PRO B 122 5.03 -18.51 20.98
C PRO B 122 3.73 -18.34 20.21
N LYS B 123 2.58 -18.31 20.89
CA LYS B 123 1.32 -18.10 20.18
C LYS B 123 1.33 -16.79 19.41
N ASP B 124 2.00 -15.77 19.93
CA ASP B 124 2.10 -14.50 19.22
C ASP B 124 2.91 -14.64 17.94
N ILE B 125 4.00 -15.41 17.99
CA ILE B 125 4.79 -15.67 16.79
C ILE B 125 3.94 -16.40 15.75
N GLN B 126 3.19 -17.40 16.19
CA GLN B 126 2.35 -18.14 15.25
C GLN B 126 1.29 -17.25 14.63
N LEU B 127 0.66 -16.38 15.43
CA LEU B 127 -0.35 -15.48 14.90
C LEU B 127 0.25 -14.51 13.90
N ALA B 128 1.42 -13.95 14.21
CA ALA B 128 2.04 -13.01 13.29
C ALA B 128 2.41 -13.69 11.97
N ARG B 129 2.96 -14.91 12.05
CA ARG B 129 3.31 -15.62 10.82
C ARG B 129 2.07 -15.99 10.01
N ARG B 130 0.98 -16.35 10.70
CA ARG B 130 -0.24 -16.71 9.98
C ARG B 130 -0.84 -15.50 9.29
N ILE B 131 -0.83 -14.33 9.94
CA ILE B 131 -1.37 -13.13 9.31
C ILE B 131 -0.46 -12.69 8.16
N ARG B 132 0.86 -12.81 8.34
CA ARG B 132 1.79 -12.37 7.31
C ARG B 132 1.68 -13.21 6.04
N GLY B 133 1.14 -14.43 6.14
CA GLY B 133 0.94 -15.27 4.98
C GLY B 133 2.12 -16.13 4.58
N GLU B 134 3.18 -16.16 5.37
CA GLU B 134 4.35 -16.98 5.04
C GLU B 134 4.19 -18.43 5.48
N ARG B 135 3.08 -18.78 6.12
CA ARG B 135 2.81 -20.16 6.51
C ARG B 135 1.35 -20.46 6.20
N ALA B 136 1.02 -21.76 6.22
CA ALA B 136 -0.33 -22.20 5.93
C ALA B 136 -1.33 -21.60 6.90
N ARG C 3 35.74 -33.75 5.53
CA ARG C 3 35.91 -35.19 5.66
C ARG C 3 34.79 -35.79 6.52
N MET C 4 34.84 -35.51 7.82
CA MET C 4 33.83 -36.02 8.73
C MET C 4 32.49 -35.34 8.47
N VAL C 5 31.41 -36.12 8.61
CA VAL C 5 30.07 -35.57 8.43
C VAL C 5 29.80 -34.53 9.52
N LEU C 6 29.11 -33.45 9.14
CA LEU C 6 28.90 -32.34 10.06
C LEU C 6 28.06 -32.77 11.26
N ARG C 7 28.52 -32.39 12.45
CA ARG C 7 27.77 -32.65 13.67
C ARG C 7 26.50 -31.80 13.69
N ASP C 8 25.40 -32.39 14.14
CA ASP C 8 24.12 -31.69 14.14
C ASP C 8 24.07 -30.61 15.22
N ASN C 9 24.41 -29.38 14.83
CA ASN C 9 24.52 -28.26 15.77
C ASN C 9 23.62 -27.12 15.30
N ILE C 10 22.35 -27.20 15.70
CA ILE C 10 21.48 -26.02 15.68
C ILE C 10 21.54 -25.29 17.02
N GLN C 11 22.02 -25.95 18.08
CA GLN C 11 22.22 -25.32 19.37
C GLN C 11 23.37 -24.33 19.37
N GLY C 12 24.03 -24.11 18.23
CA GLY C 12 25.04 -23.07 18.16
C GLY C 12 24.47 -21.69 18.32
N ILE C 13 23.18 -21.52 18.03
CA ILE C 13 22.49 -20.27 18.26
C ILE C 13 22.02 -20.27 19.71
N THR C 14 22.88 -19.82 20.61
CA THR C 14 22.58 -19.87 22.04
C THR C 14 21.53 -18.84 22.41
N LYS C 15 20.97 -19.00 23.60
CA LYS C 15 19.91 -18.10 24.03
C LYS C 15 20.36 -16.64 24.20
N PRO C 16 21.58 -16.32 24.63
CA PRO C 16 21.95 -14.89 24.65
C PRO C 16 21.92 -14.23 23.29
N ALA C 17 22.24 -14.95 22.21
CA ALA C 17 22.14 -14.37 20.87
C ALA C 17 20.69 -14.03 20.53
N ILE C 18 19.76 -14.92 20.88
CA ILE C 18 18.34 -14.62 20.70
C ILE C 18 17.96 -13.41 21.54
N ARG C 19 18.54 -13.28 22.73
CA ARG C 19 18.26 -12.12 23.56
C ARG C 19 18.75 -10.83 22.92
N ARG C 20 19.94 -10.85 22.33
CA ARG C 20 20.41 -9.66 21.62
C ARG C 20 19.51 -9.31 20.44
N LEU C 21 19.10 -10.32 19.68
CA LEU C 21 18.21 -10.05 18.55
C LEU C 21 16.89 -9.48 19.02
N ALA C 22 16.34 -10.01 20.12
CA ALA C 22 15.08 -9.49 20.66
C ALA C 22 15.26 -8.08 21.18
N ARG C 23 16.40 -7.79 21.81
CA ARG C 23 16.64 -6.44 22.30
C ARG C 23 16.70 -5.44 21.16
N ARG C 24 17.36 -5.81 20.05
CA ARG C 24 17.33 -4.95 18.88
C ARG C 24 15.92 -4.84 18.32
N GLY C 25 15.10 -5.89 18.48
CA GLY C 25 13.71 -5.80 18.07
C GLY C 25 12.93 -4.80 18.91
N GLY C 26 13.16 -4.79 20.22
CA GLY C 26 12.52 -3.82 21.08
C GLY C 26 11.58 -4.38 22.12
N VAL C 27 11.87 -5.58 22.64
CA VAL C 27 11.01 -6.24 23.61
C VAL C 27 11.69 -6.21 24.98
N LYS C 28 10.87 -6.22 26.03
CA LYS C 28 11.37 -6.20 27.41
C LYS C 28 11.50 -7.60 28.00
N ARG C 29 10.39 -8.34 28.07
CA ARG C 29 10.36 -9.65 28.71
C ARG C 29 10.13 -10.73 27.67
N ILE C 30 10.82 -11.85 27.84
CA ILE C 30 10.75 -12.97 26.90
C ILE C 30 10.42 -14.23 27.69
N SER C 31 9.43 -14.98 27.22
CA SER C 31 9.06 -16.22 27.86
C SER C 31 10.13 -17.28 27.63
N GLY C 32 10.09 -18.33 28.44
CA GLY C 32 11.09 -19.37 28.40
C GLY C 32 10.95 -20.37 27.27
N LEU C 33 9.78 -20.44 26.63
CA LEU C 33 9.55 -21.39 25.56
C LEU C 33 9.89 -20.83 24.19
N ILE C 34 10.21 -19.54 24.09
CA ILE C 34 10.54 -18.96 22.79
C ILE C 34 11.87 -19.48 22.28
N TYR C 35 12.84 -19.66 23.18
CA TYR C 35 14.21 -19.98 22.77
C TYR C 35 14.27 -21.20 21.87
N GLU C 36 13.40 -22.18 22.09
CA GLU C 36 13.35 -23.32 21.19
C GLU C 36 12.55 -23.00 19.93
N GLU C 37 11.37 -22.41 20.11
CA GLU C 37 10.44 -22.22 18.99
C GLU C 37 11.08 -21.42 17.87
N THR C 38 11.62 -20.24 18.20
CA THR C 38 12.25 -19.43 17.16
C THR C 38 13.45 -20.15 16.55
N ARG C 39 14.13 -20.98 17.33
CA ARG C 39 15.26 -21.73 16.78
C ARG C 39 14.82 -22.62 15.64
N GLY C 40 13.58 -23.09 15.66
CA GLY C 40 13.06 -23.82 14.52
C GLY C 40 12.80 -22.91 13.34
N VAL C 41 12.17 -21.75 13.58
CA VAL C 41 11.68 -20.92 12.49
C VAL C 41 12.82 -20.56 11.54
N LEU C 42 13.82 -19.84 12.06
CA LEU C 42 15.01 -19.49 11.27
C LEU C 42 15.45 -20.65 10.41
N LYS C 43 15.52 -21.85 11.01
CA LYS C 43 15.95 -23.04 10.29
C LYS C 43 15.32 -23.13 8.92
N VAL C 44 13.99 -23.25 8.87
CA VAL C 44 13.34 -23.48 7.59
C VAL C 44 13.66 -22.35 6.62
N PHE C 45 13.59 -21.10 7.11
CA PHE C 45 13.89 -19.97 6.25
C PHE C 45 15.26 -20.14 5.62
N LEU C 46 16.27 -20.39 6.45
CA LEU C 46 17.62 -20.56 5.94
C LEU C 46 17.63 -21.63 4.84
N GLU C 47 17.01 -22.78 5.13
CA GLU C 47 17.04 -23.88 4.18
C GLU C 47 16.50 -23.43 2.83
N ASN C 48 15.38 -22.71 2.85
CA ASN C 48 14.76 -22.27 1.59
C ASN C 48 15.79 -21.55 0.73
N VAL C 49 16.51 -20.59 1.31
CA VAL C 49 17.45 -19.81 0.51
C VAL C 49 18.49 -20.72 -0.10
N ILE C 50 19.04 -21.63 0.70
CA ILE C 50 20.07 -22.54 0.19
C ILE C 50 19.50 -23.33 -0.98
N ARG C 51 18.27 -23.82 -0.84
CA ARG C 51 17.68 -24.68 -1.85
C ARG C 51 17.61 -24.01 -3.21
N ASP C 52 17.66 -22.67 -3.25
CA ASP C 52 17.69 -22.01 -4.54
C ASP C 52 19.12 -21.80 -5.02
N ALA C 53 20.00 -21.31 -4.15
CA ALA C 53 21.33 -20.89 -4.58
C ALA C 53 22.09 -22.05 -5.21
N VAL C 54 22.05 -23.20 -4.57
CA VAL C 54 22.74 -24.38 -5.09
C VAL C 54 22.30 -24.66 -6.52
N THR C 55 21.00 -24.54 -6.80
CA THR C 55 20.51 -24.82 -8.13
C THR C 55 21.18 -23.91 -9.15
N TYR C 56 21.32 -22.62 -8.83
CA TYR C 56 22.03 -21.72 -9.75
C TYR C 56 23.44 -22.23 -10.00
N THR C 57 24.14 -22.65 -8.94
CA THR C 57 25.48 -23.17 -9.10
C THR C 57 25.50 -24.39 -10.01
N GLU C 58 24.44 -25.19 -10.00
CA GLU C 58 24.40 -26.35 -10.87
C GLU C 58 24.16 -25.98 -12.31
N HIS C 59 23.51 -24.83 -12.57
CA HIS C 59 23.25 -24.46 -13.94
C HIS C 59 24.52 -24.01 -14.65
N ALA C 60 25.45 -23.41 -13.93
CA ALA C 60 26.71 -22.96 -14.49
C ALA C 60 27.82 -24.00 -14.36
N LYS C 61 27.51 -25.18 -13.85
CA LYS C 61 28.49 -26.27 -13.70
C LYS C 61 29.68 -25.84 -12.86
N ARG C 62 29.45 -25.06 -11.81
CA ARG C 62 30.50 -24.58 -10.94
C ARG C 62 30.66 -25.52 -9.75
N LYS C 63 31.51 -25.14 -8.80
CA LYS C 63 31.68 -25.89 -7.56
C LYS C 63 31.69 -25.01 -6.32
N THR C 64 31.65 -23.70 -6.45
CA THR C 64 31.65 -22.78 -5.32
C THR C 64 30.45 -21.85 -5.42
N VAL C 65 29.73 -21.71 -4.30
CA VAL C 65 28.51 -20.89 -4.27
C VAL C 65 28.94 -19.42 -4.17
N THR C 66 28.93 -18.72 -5.30
CA THR C 66 29.31 -17.32 -5.33
C THR C 66 28.21 -16.47 -4.71
N ALA C 67 28.60 -15.30 -4.20
CA ALA C 67 27.65 -14.40 -3.55
C ALA C 67 26.55 -13.94 -4.50
N MET C 68 26.85 -13.88 -5.80
CA MET C 68 25.85 -13.47 -6.77
C MET C 68 24.68 -14.44 -6.80
N ASP C 69 24.96 -15.73 -6.64
CA ASP C 69 23.88 -16.71 -6.59
C ASP C 69 22.98 -16.49 -5.38
N VAL C 70 23.58 -16.18 -4.23
CA VAL C 70 22.80 -15.89 -3.03
C VAL C 70 21.92 -14.66 -3.25
N VAL C 71 22.50 -13.62 -3.86
CA VAL C 71 21.72 -12.41 -4.12
C VAL C 71 20.55 -12.71 -5.05
N TYR C 72 20.79 -13.50 -6.09
CA TYR C 72 19.72 -13.85 -7.02
C TYR C 72 18.63 -14.67 -6.34
N ALA C 73 19.02 -15.61 -5.50
CA ALA C 73 18.03 -16.41 -4.77
C ALA C 73 17.19 -15.54 -3.85
N LEU C 74 17.83 -14.61 -3.14
CA LEU C 74 17.09 -13.70 -2.28
C LEU C 74 16.12 -12.83 -3.09
N LYS C 75 16.57 -12.31 -4.23
CA LYS C 75 15.69 -11.50 -5.06
C LYS C 75 14.50 -12.32 -5.55
N ARG C 76 14.74 -13.58 -5.94
CA ARG C 76 13.65 -14.44 -6.39
C ARG C 76 12.65 -14.68 -5.26
N GLN C 77 13.16 -14.87 -4.03
CA GLN C 77 12.25 -15.11 -2.91
C GLN C 77 11.32 -13.94 -2.67
N GLY C 78 11.82 -12.72 -2.81
CA GLY C 78 10.98 -11.55 -2.66
C GLY C 78 11.64 -10.39 -1.96
N ARG C 79 12.74 -10.66 -1.25
CA ARG C 79 13.45 -9.65 -0.49
C ARG C 79 14.87 -9.52 -1.04
N THR C 80 15.24 -8.31 -1.45
CA THR C 80 16.56 -8.04 -2.00
C THR C 80 17.46 -7.43 -0.94
N LEU C 81 18.72 -7.22 -1.30
CA LEU C 81 19.66 -6.56 -0.42
C LEU C 81 20.70 -5.82 -1.26
N TYR C 82 21.13 -4.67 -0.76
CA TYR C 82 22.15 -3.86 -1.40
C TYR C 82 23.48 -4.02 -0.68
N GLY C 83 24.56 -3.74 -1.41
CA GLY C 83 25.89 -3.73 -0.86
C GLY C 83 26.74 -4.93 -1.22
N PHE C 84 26.14 -5.98 -1.77
CA PHE C 84 26.87 -7.18 -2.17
C PHE C 84 26.69 -7.38 -3.68
N GLY C 85 27.81 -7.49 -4.39
CA GLY C 85 27.77 -7.85 -5.79
C GLY C 85 26.93 -6.94 -6.67
N GLY C 86 27.08 -5.63 -6.51
CA GLY C 86 26.32 -4.68 -7.29
C GLY C 86 26.52 -4.81 -8.78
N LYS D 1 4.46 -37.10 -44.84
CA LYS D 1 3.67 -35.96 -45.25
C LYS D 1 4.00 -34.73 -44.41
N THR D 2 3.08 -34.37 -43.50
CA THR D 2 3.26 -33.19 -42.67
C THR D 2 3.81 -33.55 -41.29
N ARG D 3 3.10 -34.42 -40.57
CA ARG D 3 3.50 -34.88 -39.23
C ARG D 3 3.72 -33.69 -38.29
N SER D 4 2.63 -32.97 -38.03
CA SER D 4 2.70 -31.75 -37.23
C SER D 4 3.20 -32.05 -35.82
N SER D 5 2.60 -33.02 -35.14
CA SER D 5 2.95 -33.37 -33.77
C SER D 5 3.39 -34.83 -33.75
N ARG D 6 4.69 -35.04 -33.92
CA ARG D 6 5.30 -36.36 -33.85
C ARG D 6 5.83 -36.71 -32.46
N ALA D 7 5.59 -35.85 -31.47
CA ALA D 7 6.08 -36.08 -30.12
C ALA D 7 5.02 -36.67 -29.19
N GLY D 8 3.86 -37.05 -29.72
CA GLY D 8 2.83 -37.63 -28.89
C GLY D 8 2.23 -36.68 -27.87
N LEU D 9 1.94 -35.46 -28.26
CA LEU D 9 1.34 -34.46 -27.40
C LEU D 9 0.01 -33.99 -27.97
N GLN D 10 -0.71 -33.19 -27.19
CA GLN D 10 -1.97 -32.59 -27.61
C GLN D 10 -1.88 -31.08 -27.74
N PHE D 11 -1.09 -30.41 -26.90
CA PHE D 11 -0.94 -28.97 -27.00
C PHE D 11 -0.13 -28.61 -28.25
N PRO D 12 -0.35 -27.43 -28.81
CA PRO D 12 0.37 -27.05 -30.03
C PRO D 12 1.85 -26.82 -29.77
N VAL D 13 2.65 -27.11 -30.80
CA VAL D 13 4.07 -26.82 -30.74
C VAL D 13 4.47 -25.70 -31.70
N GLY D 14 3.72 -25.48 -32.77
CA GLY D 14 3.99 -24.35 -33.64
C GLY D 14 3.71 -23.03 -32.97
N ARG D 15 2.63 -22.95 -32.18
CA ARG D 15 2.26 -21.69 -31.54
C ARG D 15 3.30 -21.27 -30.51
N VAL D 16 3.78 -22.20 -29.68
CA VAL D 16 4.69 -21.83 -28.61
C VAL D 16 6.03 -21.37 -29.19
N HIS D 17 6.45 -21.96 -30.31
CA HIS D 17 7.67 -21.50 -30.97
C HIS D 17 7.53 -20.06 -31.42
N ARG D 18 6.40 -19.73 -32.04
CA ARG D 18 6.17 -18.35 -32.47
C ARG D 18 6.12 -17.40 -31.29
N LEU D 19 5.44 -17.80 -30.21
CA LEU D 19 5.34 -16.92 -29.04
C LEU D 19 6.70 -16.69 -28.40
N LEU D 20 7.52 -17.74 -28.31
CA LEU D 20 8.86 -17.57 -27.77
C LEU D 20 9.71 -16.67 -28.66
N ARG D 21 9.63 -16.85 -29.98
CA ARG D 21 10.45 -16.04 -30.87
C ARG D 21 9.97 -14.60 -30.89
N LYS D 22 8.67 -14.38 -31.08
CA LYS D 22 8.13 -13.02 -31.19
C LYS D 22 7.65 -12.49 -29.84
N GLY D 23 8.52 -12.57 -28.84
CA GLY D 23 8.21 -12.03 -27.53
C GLY D 23 9.41 -11.32 -26.92
N ASN D 24 10.52 -11.33 -27.65
CA ASN D 24 11.77 -10.70 -27.24
C ASN D 24 12.24 -11.25 -25.89
N TYR D 25 12.45 -12.56 -25.87
CA TYR D 25 13.00 -13.24 -24.71
C TYR D 25 14.50 -13.51 -24.84
N SER D 26 15.00 -13.65 -26.05
CA SER D 26 16.41 -13.92 -26.31
C SER D 26 16.66 -13.66 -27.79
N GLU D 27 17.86 -14.03 -28.26
CA GLU D 27 18.21 -13.88 -29.66
C GLU D 27 17.99 -15.15 -30.46
N ARG D 28 17.97 -16.31 -29.80
CA ARG D 28 17.78 -17.58 -30.49
C ARG D 28 16.96 -18.51 -29.61
N VAL D 29 16.34 -19.50 -30.24
CA VAL D 29 15.54 -20.50 -29.56
C VAL D 29 15.96 -21.87 -30.06
N GLY D 30 16.23 -22.79 -29.13
CA GLY D 30 16.60 -24.13 -29.52
C GLY D 30 15.43 -24.92 -30.06
N ALA D 31 15.74 -26.04 -30.71
CA ALA D 31 14.71 -26.88 -31.31
C ALA D 31 14.04 -27.78 -30.29
N GLY D 32 14.59 -27.93 -29.09
CA GLY D 32 13.97 -28.72 -28.06
C GLY D 32 13.24 -27.89 -27.03
N ALA D 33 13.39 -26.57 -27.13
CA ALA D 33 12.72 -25.68 -26.18
C ALA D 33 11.21 -25.72 -26.27
N PRO D 34 10.56 -25.63 -27.43
CA PRO D 34 9.10 -25.52 -27.46
C PRO D 34 8.35 -26.83 -27.22
N VAL D 35 9.05 -27.95 -27.10
CA VAL D 35 8.39 -29.21 -26.80
C VAL D 35 8.23 -29.41 -25.29
N TYR D 36 9.29 -29.12 -24.55
CA TYR D 36 9.30 -29.34 -23.11
C TYR D 36 8.26 -28.44 -22.42
N LEU D 37 8.17 -27.19 -22.86
CA LEU D 37 7.19 -26.26 -22.30
C LEU D 37 5.76 -26.74 -22.55
N ALA D 38 5.47 -27.19 -23.78
CA ALA D 38 4.13 -27.67 -24.08
C ALA D 38 3.80 -28.91 -23.25
N ALA D 39 4.77 -29.81 -23.06
CA ALA D 39 4.53 -30.98 -22.24
C ALA D 39 4.21 -30.59 -20.80
N VAL D 40 4.96 -29.63 -20.24
CA VAL D 40 4.72 -29.20 -18.87
C VAL D 40 3.33 -28.58 -18.74
N LEU D 41 2.96 -27.72 -19.71
CA LEU D 41 1.65 -27.08 -19.66
C LEU D 41 0.53 -28.11 -19.73
N GLU D 42 0.68 -29.10 -20.62
CA GLU D 42 -0.35 -30.12 -20.74
C GLU D 42 -0.49 -30.92 -19.45
N TYR D 43 0.64 -31.26 -18.82
CA TYR D 43 0.57 -31.97 -17.53
C TYR D 43 -0.20 -31.16 -16.49
N LEU D 44 0.14 -29.87 -16.35
CA LEU D 44 -0.51 -29.06 -15.33
C LEU D 44 -2.01 -28.94 -15.60
N THR D 45 -2.38 -28.71 -16.85
CA THR D 45 -3.79 -28.60 -17.19
C THR D 45 -4.52 -29.90 -16.91
N ALA D 46 -3.91 -31.04 -17.26
CA ALA D 46 -4.55 -32.33 -17.01
C ALA D 46 -4.79 -32.53 -15.52
N GLU D 47 -3.80 -32.23 -14.69
CA GLU D 47 -3.94 -32.42 -13.25
C GLU D 47 -5.09 -31.58 -12.70
N ILE D 48 -5.06 -30.27 -12.98
CA ILE D 48 -6.08 -29.39 -12.41
C ILE D 48 -7.46 -29.76 -12.92
N LEU D 49 -7.56 -30.13 -14.19
CA LEU D 49 -8.87 -30.40 -14.78
C LEU D 49 -9.43 -31.72 -14.28
N GLU D 50 -8.56 -32.71 -14.03
CA GLU D 50 -9.01 -33.96 -13.43
C GLU D 50 -9.55 -33.73 -12.03
N LEU D 51 -8.85 -32.93 -11.22
CA LEU D 51 -9.36 -32.63 -9.89
C LEU D 51 -10.71 -31.90 -9.95
N ALA D 52 -10.82 -30.92 -10.86
CA ALA D 52 -12.07 -30.20 -11.00
C ALA D 52 -13.21 -31.11 -11.43
N GLY D 53 -12.93 -32.05 -12.35
CA GLY D 53 -13.95 -32.99 -12.77
C GLY D 53 -14.40 -33.91 -11.64
N ASN D 54 -13.45 -34.37 -10.82
CA ASN D 54 -13.83 -35.17 -9.66
C ASN D 54 -14.75 -34.39 -8.73
N ALA D 55 -14.41 -33.12 -8.46
CA ALA D 55 -15.27 -32.30 -7.60
C ALA D 55 -16.65 -32.11 -8.22
N ALA D 56 -16.70 -31.87 -9.53
CA ALA D 56 -17.99 -31.67 -10.20
C ALA D 56 -18.85 -32.91 -10.11
N ARG D 57 -18.26 -34.08 -10.33
CA ARG D 57 -19.02 -35.33 -10.17
C ARG D 57 -19.47 -35.50 -8.73
N ASP D 58 -18.65 -35.07 -7.77
CA ASP D 58 -19.05 -35.13 -6.38
C ASP D 58 -20.31 -34.29 -6.15
N ASN D 59 -20.37 -33.10 -6.72
CA ASN D 59 -21.54 -32.25 -6.53
C ASN D 59 -22.60 -32.46 -7.61
N LYS D 60 -22.93 -33.73 -7.85
CA LYS D 60 -24.08 -34.17 -8.66
C LYS D 60 -24.38 -33.25 -9.84
N LYS D 61 -23.37 -33.07 -10.70
CA LYS D 61 -23.53 -32.26 -11.91
C LYS D 61 -22.80 -32.92 -13.06
N THR D 62 -23.26 -32.62 -14.28
CA THR D 62 -22.65 -33.14 -15.50
C THR D 62 -21.85 -32.09 -16.25
N ARG D 63 -21.58 -30.93 -15.63
CA ARG D 63 -20.76 -29.91 -16.25
C ARG D 63 -19.76 -29.36 -15.24
N ILE D 64 -19.03 -28.32 -15.63
CA ILE D 64 -18.00 -27.73 -14.78
C ILE D 64 -18.23 -26.22 -14.70
N ILE D 65 -18.18 -25.69 -13.49
CA ILE D 65 -18.42 -24.26 -13.24
C ILE D 65 -17.25 -23.73 -12.41
N PRO D 66 -17.07 -22.40 -12.36
CA PRO D 66 -15.92 -21.85 -11.61
C PRO D 66 -15.89 -22.28 -10.16
N ARG D 67 -17.05 -22.54 -9.54
CA ARG D 67 -17.06 -23.00 -8.15
C ARG D 67 -16.26 -24.28 -7.99
N HIS D 68 -16.41 -25.21 -8.92
CA HIS D 68 -15.66 -26.47 -8.84
C HIS D 68 -14.17 -26.23 -8.96
N LEU D 69 -13.76 -25.34 -9.87
CA LEU D 69 -12.33 -25.02 -10.00
C LEU D 69 -11.79 -24.41 -8.70
N GLN D 70 -12.54 -23.47 -8.12
CA GLN D 70 -12.08 -22.85 -6.89
C GLN D 70 -11.96 -23.87 -5.76
N LEU D 71 -12.95 -24.75 -5.63
CA LEU D 71 -12.93 -25.75 -4.58
C LEU D 71 -11.76 -26.71 -4.76
N ALA D 72 -11.55 -27.20 -5.99
CA ALA D 72 -10.46 -28.13 -6.26
C ALA D 72 -9.11 -27.48 -6.02
N ILE D 73 -8.95 -26.21 -6.41
CA ILE D 73 -7.69 -25.52 -6.19
C ILE D 73 -7.43 -25.33 -4.71
N ARG D 74 -8.42 -24.85 -3.97
CA ARG D 74 -8.21 -24.52 -2.57
C ARG D 74 -7.97 -25.75 -1.72
N ASN D 75 -8.68 -26.86 -1.99
CA ASN D 75 -8.53 -28.03 -1.13
C ASN D 75 -7.14 -28.64 -1.24
N ASP D 76 -6.59 -28.73 -2.44
CA ASP D 76 -5.21 -29.20 -2.58
C ASP D 76 -4.25 -28.17 -2.00
N GLU D 77 -3.07 -28.64 -1.63
CA GLU D 77 -2.08 -27.79 -0.95
C GLU D 77 -0.95 -27.33 -1.86
N GLU D 78 -0.48 -28.18 -2.78
CA GLU D 78 0.55 -27.72 -3.71
C GLU D 78 -0.03 -26.76 -4.75
N LEU D 79 -1.20 -27.08 -5.29
CA LEU D 79 -1.87 -26.14 -6.18
C LEU D 79 -2.21 -24.84 -5.46
N ASN D 80 -2.58 -24.93 -4.17
CA ASN D 80 -2.82 -23.73 -3.39
C ASN D 80 -1.55 -22.90 -3.25
N LYS D 81 -0.42 -23.55 -3.00
CA LYS D 81 0.84 -22.82 -2.89
C LYS D 81 1.21 -22.15 -4.21
N LEU D 82 1.03 -22.86 -5.32
CA LEU D 82 1.37 -22.27 -6.62
C LEU D 82 0.45 -21.11 -6.95
N LEU D 83 -0.85 -21.31 -6.84
CA LEU D 83 -1.84 -20.26 -7.09
C LEU D 83 -2.28 -19.62 -5.78
N GLY D 84 -1.30 -19.07 -5.06
CA GLY D 84 -1.56 -18.49 -3.76
C GLY D 84 -2.38 -17.23 -3.79
N ARG D 85 -1.82 -16.16 -4.34
CA ARG D 85 -2.50 -14.86 -4.42
C ARG D 85 -3.18 -14.66 -5.77
N VAL D 86 -4.05 -15.60 -6.12
CA VAL D 86 -4.80 -15.57 -7.37
C VAL D 86 -6.28 -15.74 -7.03
N THR D 87 -7.11 -14.86 -7.56
CA THR D 87 -8.55 -14.88 -7.31
C THR D 87 -9.29 -15.40 -8.54
N ILE D 88 -10.33 -16.19 -8.29
CA ILE D 88 -11.18 -16.74 -9.34
C ILE D 88 -12.51 -16.02 -9.31
N ALA D 89 -12.92 -15.50 -10.46
CA ALA D 89 -14.19 -14.79 -10.55
C ALA D 89 -15.35 -15.73 -10.26
N GLN D 90 -16.29 -15.28 -9.43
CA GLN D 90 -17.44 -16.07 -9.01
C GLN D 90 -16.99 -17.42 -8.43
N GLY D 91 -15.92 -17.39 -7.65
CA GLY D 91 -15.40 -18.60 -7.05
C GLY D 91 -16.03 -18.94 -5.72
N GLY D 92 -15.97 -18.02 -4.77
CA GLY D 92 -16.53 -18.22 -3.46
C GLY D 92 -15.47 -18.38 -2.38
N VAL D 93 -15.88 -19.01 -1.29
CA VAL D 93 -15.02 -19.23 -0.13
C VAL D 93 -15.29 -20.63 0.41
N LEU D 94 -14.23 -21.34 0.80
CA LEU D 94 -14.39 -22.67 1.37
C LEU D 94 -15.15 -22.58 2.70
N PRO D 95 -15.99 -23.56 3.00
CA PRO D 95 -16.78 -23.52 4.24
C PRO D 95 -15.95 -23.94 5.44
N ASN D 96 -15.68 -22.99 6.33
CA ASN D 96 -15.05 -23.29 7.60
C ASN D 96 -15.49 -22.27 8.63
N ILE D 97 -15.35 -22.64 9.91
CA ILE D 97 -15.75 -21.78 11.01
C ILE D 97 -14.90 -22.13 12.22
N GLN D 98 -14.59 -21.13 13.03
CA GLN D 98 -13.72 -21.32 14.18
C GLN D 98 -14.43 -22.15 15.26
N ALA D 99 -13.62 -22.93 15.99
CA ALA D 99 -14.18 -23.81 17.00
C ALA D 99 -14.69 -23.04 18.21
N VAL D 100 -14.17 -21.85 18.45
CA VAL D 100 -14.58 -21.09 19.63
C VAL D 100 -16.00 -20.58 19.48
N LEU D 101 -16.35 -20.08 18.29
CA LEU D 101 -17.65 -19.45 18.07
C LEU D 101 -18.81 -20.43 18.10
N LEU D 102 -18.55 -21.73 18.08
CA LEU D 102 -19.62 -22.71 18.06
C LEU D 102 -20.41 -22.67 19.36
N PRO D 103 -21.71 -22.97 19.32
CA PRO D 103 -22.52 -22.95 20.53
C PRO D 103 -22.04 -23.97 21.55
N LYS D 104 -22.18 -23.62 22.82
CA LYS D 104 -21.72 -24.49 23.89
C LYS D 104 -22.64 -25.69 24.00
N LYS D 105 -22.08 -26.89 23.85
CA LYS D 105 -22.88 -28.10 23.83
C LYS D 105 -23.53 -28.37 25.19
N THR D 106 -22.72 -28.35 26.25
CA THR D 106 -23.24 -28.62 27.60
C THR D 106 -22.72 -27.66 28.65
N GLU D 107 -21.86 -26.70 28.29
CA GLU D 107 -21.34 -25.77 29.29
C GLU D 107 -22.43 -24.92 29.89
N SER D 108 -23.34 -24.42 29.06
CA SER D 108 -24.45 -23.58 29.52
C SER D 108 -25.76 -24.16 29.01
N HIS D 109 -26.73 -24.29 29.91
CA HIS D 109 -28.03 -24.84 29.56
C HIS D 109 -29.09 -24.28 30.51
N HIS D 110 -30.23 -23.91 29.94
CA HIS D 110 -31.38 -23.37 30.67
C HIS D 110 -31.02 -22.47 31.85
N ARG E 1 -13.44 -10.11 -36.41
CA ARG E 1 -13.05 -10.50 -37.75
C ARG E 1 -11.63 -11.07 -37.76
N SER E 2 -10.74 -10.40 -37.04
CA SER E 2 -9.37 -10.89 -36.94
C SER E 2 -9.29 -12.12 -36.05
N ARG E 3 -8.24 -12.91 -36.25
CA ARG E 3 -8.09 -14.14 -35.49
C ARG E 3 -7.74 -13.86 -34.04
N LYS E 4 -8.44 -14.53 -33.13
CA LYS E 4 -8.14 -14.46 -31.70
C LYS E 4 -7.70 -15.85 -31.26
N GLU E 5 -6.40 -16.04 -31.09
CA GLU E 5 -5.88 -17.33 -30.69
C GLU E 5 -6.34 -17.68 -29.28
N SER E 6 -6.71 -18.95 -29.08
CA SER E 6 -7.17 -19.41 -27.78
C SER E 6 -6.83 -20.87 -27.63
N TYR E 7 -6.78 -21.33 -26.38
CA TYR E 7 -6.48 -22.72 -26.06
C TYR E 7 -7.75 -23.53 -25.80
N SER E 8 -8.86 -23.15 -26.43
CA SER E 8 -10.13 -23.83 -26.17
C SER E 8 -10.11 -25.26 -26.69
N VAL E 9 -9.65 -25.47 -27.92
CA VAL E 9 -9.71 -26.80 -28.52
C VAL E 9 -8.84 -27.77 -27.76
N TYR E 10 -7.64 -27.35 -27.35
CA TYR E 10 -6.73 -28.25 -26.65
C TYR E 10 -7.24 -28.59 -25.26
N VAL E 11 -7.80 -27.61 -24.56
CA VAL E 11 -8.39 -27.86 -23.25
C VAL E 11 -9.54 -28.85 -23.38
N TYR E 12 -10.40 -28.66 -24.39
CA TYR E 12 -11.49 -29.60 -24.61
C TYR E 12 -10.98 -31.00 -24.94
N LYS E 13 -9.93 -31.10 -25.74
CA LYS E 13 -9.38 -32.41 -26.08
C LYS E 13 -8.85 -33.11 -24.84
N VAL E 14 -8.13 -32.39 -23.99
CA VAL E 14 -7.62 -32.97 -22.74
C VAL E 14 -8.78 -33.43 -21.86
N LEU E 15 -9.81 -32.59 -21.74
CA LEU E 15 -10.96 -32.96 -20.91
C LEU E 15 -11.66 -34.20 -21.43
N LYS E 16 -11.84 -34.30 -22.75
CA LYS E 16 -12.49 -35.47 -23.32
C LYS E 16 -11.62 -36.72 -23.13
N GLN E 17 -10.29 -36.56 -23.17
CA GLN E 17 -9.42 -37.71 -23.00
C GLN E 17 -9.41 -38.19 -21.55
N VAL E 18 -9.50 -37.27 -20.59
CA VAL E 18 -9.42 -37.65 -19.18
C VAL E 18 -10.78 -38.07 -18.63
N HIS E 19 -11.77 -37.19 -18.69
CA HIS E 19 -13.13 -37.50 -18.24
C HIS E 19 -14.02 -37.57 -19.46
N PRO E 20 -14.29 -38.76 -20.00
CA PRO E 20 -14.95 -38.86 -21.32
C PRO E 20 -16.35 -38.27 -21.38
N ASP E 21 -17.09 -38.25 -20.28
CA ASP E 21 -18.51 -37.93 -20.32
C ASP E 21 -18.88 -36.71 -19.48
N THR E 22 -18.11 -35.63 -19.63
CA THR E 22 -18.43 -34.38 -18.96
C THR E 22 -18.12 -33.21 -19.88
N GLY E 23 -18.74 -32.08 -19.60
CA GLY E 23 -18.55 -30.88 -20.39
C GLY E 23 -17.87 -29.75 -19.63
N ILE E 24 -18.10 -28.52 -20.05
CA ILE E 24 -17.47 -27.36 -19.42
C ILE E 24 -18.24 -26.12 -19.84
N SER E 25 -18.34 -25.16 -18.93
CA SER E 25 -18.99 -23.88 -19.20
C SER E 25 -17.97 -22.86 -19.71
N SER E 26 -18.50 -21.76 -20.23
CA SER E 26 -17.66 -20.74 -20.87
C SER E 26 -16.72 -20.08 -19.87
N LYS E 27 -17.22 -19.73 -18.69
CA LYS E 27 -16.41 -19.01 -17.72
C LYS E 27 -15.23 -19.86 -17.26
N ALA E 28 -15.46 -21.16 -17.06
CA ALA E 28 -14.36 -22.06 -16.74
C ALA E 28 -13.33 -22.08 -17.86
N MET E 29 -13.80 -22.06 -19.11
CA MET E 29 -12.89 -22.03 -20.25
C MET E 29 -12.02 -20.78 -20.20
N GLY E 30 -12.63 -19.64 -19.90
CA GLY E 30 -11.85 -18.40 -19.79
C GLY E 30 -10.82 -18.44 -18.69
N ILE E 31 -11.19 -18.97 -17.52
CA ILE E 31 -10.22 -19.01 -16.43
C ILE E 31 -9.09 -20.00 -16.75
N MET E 32 -9.38 -21.08 -17.46
CA MET E 32 -8.31 -21.97 -17.89
C MET E 32 -7.38 -21.29 -18.88
N ASN E 33 -7.93 -20.49 -19.79
CA ASN E 33 -7.09 -19.72 -20.71
C ASN E 33 -6.16 -18.79 -19.94
N SER E 34 -6.71 -18.08 -18.95
CA SER E 34 -5.90 -17.17 -18.16
C SER E 34 -4.80 -17.91 -17.42
N PHE E 35 -5.13 -19.07 -16.83
CA PHE E 35 -4.14 -19.85 -16.11
C PHE E 35 -3.01 -20.30 -17.02
N VAL E 36 -3.34 -20.79 -18.21
CA VAL E 36 -2.31 -21.24 -19.14
C VAL E 36 -1.40 -20.08 -19.53
N ASN E 37 -1.99 -18.93 -19.85
CA ASN E 37 -1.19 -17.77 -20.23
C ASN E 37 -0.26 -17.34 -19.10
N ASP E 38 -0.77 -17.31 -17.87
CA ASP E 38 0.04 -16.87 -16.74
C ASP E 38 1.22 -17.81 -16.51
N ILE E 39 0.97 -19.12 -16.54
CA ILE E 39 2.06 -20.07 -16.30
C ILE E 39 3.10 -19.98 -17.40
N PHE E 40 2.66 -19.89 -18.66
CA PHE E 40 3.60 -19.77 -19.77
C PHE E 40 4.47 -18.53 -19.62
N GLU E 41 3.85 -17.40 -19.28
CA GLU E 41 4.62 -16.16 -19.14
C GLU E 41 5.64 -16.28 -18.01
N ARG E 42 5.23 -16.84 -16.87
CA ARG E 42 6.16 -17.00 -15.76
C ARG E 42 7.38 -17.82 -16.16
N ILE E 43 7.14 -18.99 -16.76
CA ILE E 43 8.25 -19.87 -17.09
C ILE E 43 9.16 -19.23 -18.12
N ALA E 44 8.58 -18.62 -19.16
CA ALA E 44 9.41 -18.01 -20.20
C ALA E 44 10.26 -16.88 -19.64
N GLY E 45 9.67 -16.01 -18.80
CA GLY E 45 10.45 -14.93 -18.22
C GLY E 45 11.58 -15.43 -17.34
N GLU E 46 11.30 -16.42 -16.51
CA GLU E 46 12.35 -16.96 -15.64
C GLU E 46 13.48 -17.56 -16.45
N ALA E 47 13.14 -18.32 -17.50
CA ALA E 47 14.17 -18.91 -18.35
C ALA E 47 15.00 -17.84 -19.05
N SER E 48 14.35 -16.78 -19.52
CA SER E 48 15.08 -15.70 -20.16
C SER E 48 16.07 -15.05 -19.20
N ARG E 49 15.62 -14.79 -17.96
CA ARG E 49 16.53 -14.18 -16.99
C ARG E 49 17.70 -15.10 -16.68
N LEU E 50 17.43 -16.40 -16.50
CA LEU E 50 18.49 -17.34 -16.20
C LEU E 50 19.50 -17.42 -17.33
N ALA E 51 19.03 -17.42 -18.58
CA ALA E 51 19.96 -17.41 -19.71
C ALA E 51 20.77 -16.13 -19.75
N HIS E 52 20.14 -14.98 -19.45
CA HIS E 52 20.86 -13.71 -19.49
C HIS E 52 21.93 -13.63 -18.42
N TYR E 53 21.73 -14.29 -17.28
CA TYR E 53 22.72 -14.22 -16.21
C TYR E 53 24.04 -14.89 -16.59
N ASN E 54 24.01 -15.86 -17.50
CA ASN E 54 25.19 -16.64 -17.85
C ASN E 54 25.89 -16.17 -19.12
N LYS E 55 25.48 -15.01 -19.66
CA LYS E 55 26.09 -14.44 -20.86
C LYS E 55 25.98 -15.40 -22.04
N ARG E 56 24.75 -15.77 -22.36
CA ARG E 56 24.45 -16.63 -23.50
C ARG E 56 23.29 -16.00 -24.27
N SER E 57 23.12 -16.45 -25.52
CA SER E 57 22.10 -15.91 -26.40
C SER E 57 20.92 -16.84 -26.61
N THR E 58 21.15 -18.15 -26.67
CA THR E 58 20.08 -19.09 -27.00
C THR E 58 19.29 -19.46 -25.75
N ILE E 59 18.26 -20.28 -25.96
CA ILE E 59 17.45 -20.84 -24.87
C ILE E 59 17.23 -22.32 -25.17
N THR E 60 17.97 -23.19 -24.48
CA THR E 60 17.87 -24.62 -24.69
C THR E 60 16.94 -25.23 -23.64
N SER E 61 16.71 -26.54 -23.77
CA SER E 61 15.82 -27.23 -22.84
C SER E 61 16.35 -27.23 -21.41
N ARG E 62 17.66 -27.09 -21.24
CA ARG E 62 18.22 -27.04 -19.90
C ARG E 62 17.68 -25.84 -19.13
N GLU E 63 17.53 -24.70 -19.81
CA GLU E 63 17.01 -23.51 -19.15
C GLU E 63 15.58 -23.72 -18.67
N ILE E 64 14.73 -24.32 -19.50
CA ILE E 64 13.35 -24.58 -19.10
C ILE E 64 13.31 -25.59 -17.95
N GLN E 65 14.16 -26.61 -18.00
CA GLN E 65 14.18 -27.58 -16.91
C GLN E 65 14.57 -26.92 -15.59
N THR E 66 15.60 -26.08 -15.62
CA THR E 66 16.02 -25.39 -14.40
C THR E 66 14.95 -24.42 -13.92
N ALA E 67 14.27 -23.72 -14.83
CA ALA E 67 13.21 -22.81 -14.43
C ALA E 67 12.06 -23.57 -13.78
N VAL E 68 11.70 -24.73 -14.33
CA VAL E 68 10.66 -25.55 -13.72
C VAL E 68 11.08 -26.00 -12.33
N ARG E 69 12.34 -26.39 -12.17
CA ARG E 69 12.82 -26.79 -10.85
C ARG E 69 12.73 -25.64 -9.86
N LEU E 70 13.12 -24.43 -10.27
CA LEU E 70 13.06 -23.29 -9.38
C LEU E 70 11.62 -22.92 -9.01
N LEU E 71 10.71 -22.96 -9.98
CA LEU E 71 9.42 -22.31 -9.78
C LEU E 71 8.40 -23.20 -9.07
N LEU E 72 8.39 -24.50 -9.34
CA LEU E 72 7.33 -25.38 -8.86
C LEU E 72 7.74 -26.12 -7.60
N PRO E 73 6.78 -26.50 -6.75
CA PRO E 73 7.09 -27.34 -5.59
C PRO E 73 7.56 -28.72 -6.01
N GLY E 74 8.04 -29.48 -5.03
CA GLY E 74 8.81 -30.68 -5.33
C GLY E 74 8.01 -31.74 -6.07
N GLU E 75 6.85 -32.13 -5.54
CA GLU E 75 6.11 -33.25 -6.11
C GLU E 75 5.65 -32.93 -7.52
N LEU E 76 5.19 -31.70 -7.76
CA LEU E 76 4.87 -31.29 -9.11
C LEU E 76 6.13 -31.25 -9.98
N ALA E 77 7.26 -30.83 -9.40
CA ALA E 77 8.48 -30.69 -10.18
C ALA E 77 8.96 -32.03 -10.74
N LYS E 78 8.93 -33.08 -9.91
CA LYS E 78 9.41 -34.38 -10.38
C LYS E 78 8.59 -34.86 -11.58
N HIS E 79 7.27 -34.81 -11.47
CA HIS E 79 6.42 -35.29 -12.55
C HIS E 79 6.54 -34.43 -13.79
N ALA E 80 6.62 -33.11 -13.63
CA ALA E 80 6.77 -32.24 -14.79
C ALA E 80 8.09 -32.51 -15.50
N VAL E 81 9.18 -32.69 -14.75
CA VAL E 81 10.47 -32.98 -15.36
C VAL E 81 10.41 -34.31 -16.10
N SER E 82 9.80 -35.33 -15.49
CA SER E 82 9.71 -36.64 -16.14
C SER E 82 8.93 -36.54 -17.45
N GLU E 83 7.79 -35.86 -17.41
CA GLU E 83 6.98 -35.73 -18.63
C GLU E 83 7.75 -34.99 -19.72
N GLY E 84 8.40 -33.88 -19.36
CA GLY E 84 9.13 -33.11 -20.36
C GLY E 84 10.27 -33.89 -20.97
N THR E 85 11.06 -34.58 -20.14
CA THR E 85 12.20 -35.30 -20.68
C THR E 85 11.75 -36.49 -21.51
N LYS E 86 10.67 -37.16 -21.12
CA LYS E 86 10.16 -38.26 -21.93
C LYS E 86 9.66 -37.74 -23.28
N ALA E 87 8.96 -36.60 -23.28
CA ALA E 87 8.45 -36.05 -24.53
C ALA E 87 9.60 -35.67 -25.46
N VAL E 88 10.63 -35.01 -24.93
CA VAL E 88 11.73 -34.59 -25.79
C VAL E 88 12.52 -35.80 -26.29
N THR E 89 12.67 -36.82 -25.45
CA THR E 89 13.35 -38.04 -25.89
C THR E 89 12.58 -38.72 -27.01
N LYS E 90 11.25 -38.80 -26.88
CA LYS E 90 10.45 -39.39 -27.95
C LYS E 90 10.55 -38.58 -29.24
N TYR E 91 10.51 -37.25 -29.12
CA TYR E 91 10.63 -36.40 -30.30
C TYR E 91 11.97 -36.61 -31.00
N THR E 92 13.06 -36.65 -30.24
CA THR E 92 14.37 -36.85 -30.86
C THR E 92 14.49 -38.24 -31.46
N SER E 93 13.96 -39.27 -30.77
CA SER E 93 14.07 -40.62 -31.28
C SER E 93 13.26 -40.84 -32.54
N ALA E 94 12.12 -40.14 -32.67
CA ALA E 94 11.29 -40.31 -33.85
C ALA E 94 11.88 -39.69 -35.11
N LYS E 95 12.97 -38.93 -34.97
CA LYS E 95 13.59 -38.22 -36.09
C LYS E 95 12.58 -37.34 -36.81
N PRO F 39 -45.53 -15.71 21.83
CA PRO F 39 -44.64 -15.57 20.67
C PRO F 39 -43.44 -16.51 20.74
N HIS F 40 -42.79 -16.71 19.59
CA HIS F 40 -41.62 -17.59 19.49
C HIS F 40 -40.41 -16.73 19.14
N ARG F 41 -39.37 -16.82 19.96
CA ARG F 41 -38.17 -16.02 19.79
C ARG F 41 -36.93 -16.89 19.90
N TYR F 42 -35.97 -16.66 19.02
CA TYR F 42 -34.71 -17.37 19.06
C TYR F 42 -33.73 -16.68 20.00
N ARG F 43 -32.92 -17.48 20.67
CA ARG F 43 -31.89 -16.94 21.55
C ARG F 43 -30.84 -16.21 20.71
N PRO F 44 -30.28 -15.11 21.22
CA PRO F 44 -29.23 -14.40 20.46
C PRO F 44 -28.06 -15.31 20.17
N GLY F 45 -27.56 -15.23 18.93
CA GLY F 45 -26.40 -15.99 18.52
C GLY F 45 -26.68 -17.25 17.71
N THR F 46 -27.94 -17.53 17.39
CA THR F 46 -28.26 -18.70 16.57
C THR F 46 -28.65 -18.35 15.14
N VAL F 47 -29.21 -17.16 14.91
CA VAL F 47 -29.49 -16.74 13.54
C VAL F 47 -28.21 -16.40 12.79
N ALA F 48 -27.21 -15.88 13.51
CA ALA F 48 -25.94 -15.56 12.87
C ALA F 48 -25.28 -16.82 12.31
N LEU F 49 -25.40 -17.94 13.00
CA LEU F 49 -24.81 -19.18 12.50
C LEU F 49 -25.49 -19.62 11.20
N ARG F 50 -26.81 -19.54 11.14
CA ARG F 50 -27.51 -19.86 9.91
C ARG F 50 -27.10 -18.92 8.78
N GLU F 51 -26.96 -17.63 9.09
CA GLU F 51 -26.55 -16.67 8.09
C GLU F 51 -25.16 -16.99 7.56
N ILE F 52 -24.23 -17.35 8.46
CA ILE F 52 -22.88 -17.69 8.03
C ILE F 52 -22.90 -18.92 7.12
N ARG F 53 -23.64 -19.95 7.53
CA ARG F 53 -23.71 -21.16 6.71
C ARG F 53 -24.33 -20.89 5.35
N ARG F 54 -25.33 -20.00 5.31
CA ARG F 54 -25.96 -19.66 4.04
C ARG F 54 -25.01 -18.88 3.14
N TYR F 55 -24.30 -17.90 3.68
CA TYR F 55 -23.48 -17.01 2.87
C TYR F 55 -22.10 -17.57 2.54
N GLN F 56 -21.65 -18.62 3.22
CA GLN F 56 -20.38 -19.25 2.86
C GLN F 56 -20.54 -20.29 1.77
N LYS F 57 -21.76 -20.51 1.28
CA LYS F 57 -22.03 -21.49 0.24
C LYS F 57 -22.41 -20.87 -1.10
N SER F 58 -22.99 -19.67 -1.09
CA SER F 58 -23.38 -19.01 -2.32
C SER F 58 -22.16 -18.38 -3.00
N THR F 59 -22.36 -17.95 -4.25
CA THR F 59 -21.29 -17.36 -5.04
C THR F 59 -21.69 -16.07 -5.73
N GLU F 60 -22.84 -15.49 -5.40
CA GLU F 60 -23.28 -14.25 -6.02
C GLU F 60 -22.57 -13.07 -5.39
N LEU F 61 -22.70 -11.92 -6.05
CA LEU F 61 -22.19 -10.67 -5.49
C LEU F 61 -23.08 -10.22 -4.34
N LEU F 62 -22.46 -9.85 -3.22
CA LEU F 62 -23.18 -9.50 -2.02
C LEU F 62 -23.48 -8.01 -1.89
N ILE F 63 -23.13 -7.22 -2.90
CA ILE F 63 -23.30 -5.77 -2.83
C ILE F 63 -24.08 -5.33 -4.06
N ARG F 64 -24.78 -4.20 -3.93
CA ARG F 64 -25.61 -3.69 -5.00
C ARG F 64 -24.75 -3.25 -6.18
N LYS F 65 -25.40 -2.80 -7.25
CA LYS F 65 -24.72 -2.50 -8.50
C LYS F 65 -24.72 -1.02 -8.84
N LEU F 66 -25.87 -0.35 -8.81
CA LEU F 66 -25.91 1.07 -9.15
C LEU F 66 -25.11 1.95 -8.20
N PRO F 67 -25.21 1.83 -6.87
CA PRO F 67 -24.36 2.66 -6.02
C PRO F 67 -22.87 2.42 -6.23
N PHE F 68 -22.47 1.17 -6.46
CA PHE F 68 -21.06 0.89 -6.74
C PHE F 68 -20.62 1.53 -8.05
N GLN F 69 -21.48 1.45 -9.08
CA GLN F 69 -21.16 2.10 -10.34
C GLN F 69 -21.02 3.61 -10.16
N ARG F 70 -21.89 4.22 -9.35
CA ARG F 70 -21.79 5.65 -9.08
C ARG F 70 -20.48 5.99 -8.38
N LEU F 71 -20.09 5.19 -7.39
CA LEU F 71 -18.83 5.41 -6.71
C LEU F 71 -17.64 5.33 -7.68
N VAL F 72 -17.63 4.30 -8.52
CA VAL F 72 -16.54 4.15 -9.48
C VAL F 72 -16.50 5.34 -10.43
N ARG F 73 -17.68 5.78 -10.90
CA ARG F 73 -17.71 6.92 -11.81
C ARG F 73 -17.19 8.19 -11.16
N GLU F 74 -17.55 8.42 -9.89
CA GLU F 74 -17.06 9.62 -9.21
C GLU F 74 -15.55 9.57 -9.03
N ILE F 75 -15.02 8.44 -8.56
CA ILE F 75 -13.59 8.33 -8.33
C ILE F 75 -12.83 8.47 -9.64
N ALA F 76 -13.37 7.93 -10.73
CA ALA F 76 -12.72 8.07 -12.04
C ALA F 76 -12.77 9.52 -12.52
N GLN F 77 -13.93 10.17 -12.38
CA GLN F 77 -14.07 11.55 -12.83
C GLN F 77 -13.14 12.47 -12.06
N ASP F 78 -12.82 12.14 -10.82
CA ASP F 78 -11.92 12.99 -10.04
C ASP F 78 -10.55 13.15 -10.69
N PHE F 79 -10.13 12.21 -11.55
CA PHE F 79 -8.81 12.26 -12.17
C PHE F 79 -8.85 12.94 -13.53
N LYS F 80 -9.62 12.39 -14.46
CA LYS F 80 -9.78 12.95 -15.80
C LYS F 80 -11.25 13.13 -16.08
N THR F 81 -11.57 14.12 -16.92
CA THR F 81 -12.94 14.50 -17.19
C THR F 81 -13.49 13.74 -18.41
N ASP F 82 -14.79 13.45 -18.35
CA ASP F 82 -15.53 12.85 -19.46
C ASP F 82 -14.96 11.50 -19.88
N LEU F 83 -15.04 10.54 -18.95
CA LEU F 83 -14.62 9.17 -19.20
C LEU F 83 -15.82 8.31 -19.57
N ARG F 84 -15.60 7.39 -20.50
CA ARG F 84 -16.57 6.37 -20.84
C ARG F 84 -16.12 5.04 -20.22
N PHE F 85 -17.09 4.19 -19.88
CA PHE F 85 -16.81 2.96 -19.16
C PHE F 85 -17.45 1.78 -19.84
N GLN F 86 -16.77 0.63 -19.75
CA GLN F 86 -17.31 -0.65 -20.15
C GLN F 86 -17.87 -1.39 -18.95
N SER F 87 -18.97 -2.10 -19.15
CA SER F 87 -19.62 -2.79 -18.04
C SER F 87 -18.72 -3.85 -17.42
N SER F 88 -17.98 -4.59 -18.27
CA SER F 88 -17.09 -5.62 -17.75
C SER F 88 -16.02 -5.03 -16.84
N ALA F 89 -15.59 -3.80 -17.11
CA ALA F 89 -14.60 -3.16 -16.26
C ALA F 89 -15.14 -2.96 -14.84
N VAL F 90 -16.35 -2.42 -14.71
CA VAL F 90 -16.90 -2.21 -13.38
C VAL F 90 -17.21 -3.54 -12.71
N MET F 91 -17.58 -4.56 -13.49
CA MET F 91 -17.78 -5.88 -12.89
C MET F 91 -16.48 -6.42 -12.30
N ALA F 92 -15.37 -6.26 -13.03
CA ALA F 92 -14.07 -6.70 -12.52
C ALA F 92 -13.70 -5.93 -11.26
N LEU F 93 -13.94 -4.62 -11.25
CA LEU F 93 -13.66 -3.82 -10.06
C LEU F 93 -14.47 -4.33 -8.87
N GLN F 94 -15.74 -4.64 -9.09
CA GLN F 94 -16.58 -5.16 -8.01
C GLN F 94 -16.03 -6.47 -7.47
N GLU F 95 -15.65 -7.38 -8.37
CA GLU F 95 -15.12 -8.67 -7.92
C GLU F 95 -13.87 -8.49 -7.08
N ALA F 96 -12.95 -7.63 -7.54
CA ALA F 96 -11.72 -7.40 -6.79
C ALA F 96 -12.01 -6.83 -5.41
N CYS F 97 -12.90 -5.84 -5.34
CA CYS F 97 -13.21 -5.21 -4.06
C CYS F 97 -13.80 -6.23 -3.08
N GLU F 98 -14.75 -7.04 -3.55
CA GLU F 98 -15.35 -8.03 -2.67
C GLU F 98 -14.30 -9.00 -2.14
N ALA F 99 -13.44 -9.51 -3.02
CA ALA F 99 -12.45 -10.49 -2.58
C ALA F 99 -11.51 -9.89 -1.54
N TYR F 100 -11.00 -8.68 -1.80
CA TYR F 100 -10.07 -8.06 -0.88
C TYR F 100 -10.72 -7.81 0.47
N LEU F 101 -11.96 -7.32 0.48
CA LEU F 101 -12.59 -6.97 1.75
C LEU F 101 -12.93 -8.22 2.55
N VAL F 102 -13.31 -9.31 1.88
CA VAL F 102 -13.57 -10.56 2.60
C VAL F 102 -12.29 -11.08 3.25
N GLY F 103 -11.18 -11.04 2.51
CA GLY F 103 -9.91 -11.47 3.11
C GLY F 103 -9.55 -10.63 4.32
N LEU F 104 -9.73 -9.31 4.23
CA LEU F 104 -9.43 -8.44 5.36
C LEU F 104 -10.29 -8.78 6.55
N PHE F 105 -11.58 -9.05 6.33
CA PHE F 105 -12.47 -9.39 7.45
C PHE F 105 -12.05 -10.70 8.10
N GLU F 106 -11.60 -11.67 7.31
CA GLU F 106 -11.13 -12.92 7.90
C GLU F 106 -9.93 -12.67 8.81
N ASP F 107 -8.97 -11.87 8.35
CA ASP F 107 -7.81 -11.57 9.19
C ASP F 107 -8.22 -10.83 10.45
N THR F 108 -9.16 -9.89 10.32
CA THR F 108 -9.65 -9.16 11.50
C THR F 108 -10.30 -10.10 12.50
N ASN F 109 -11.06 -11.09 12.02
CA ASN F 109 -11.68 -12.05 12.91
C ASN F 109 -10.62 -12.84 13.68
N LEU F 110 -9.57 -13.28 12.98
CA LEU F 110 -8.48 -13.98 13.68
C LEU F 110 -7.88 -13.10 14.77
N CYS F 111 -7.61 -11.83 14.43
CA CYS F 111 -7.01 -10.92 15.40
C CYS F 111 -7.92 -10.74 16.62
N ALA F 112 -9.23 -10.61 16.39
CA ALA F 112 -10.17 -10.42 17.49
C ALA F 112 -10.21 -11.66 18.38
N ILE F 113 -10.23 -12.85 17.78
CA ILE F 113 -10.25 -14.07 18.58
C ILE F 113 -8.98 -14.22 19.40
N HIS F 114 -7.85 -13.71 18.89
CA HIS F 114 -6.59 -13.86 19.61
C HIS F 114 -6.63 -13.26 21.02
N ALA F 115 -7.41 -12.19 21.22
CA ALA F 115 -7.40 -11.45 22.47
C ALA F 115 -8.47 -11.89 23.45
N LYS F 116 -8.89 -13.17 23.41
CA LYS F 116 -9.90 -13.72 24.30
C LYS F 116 -11.23 -12.99 24.21
N ARG F 117 -11.53 -12.42 23.04
CA ARG F 117 -12.75 -11.67 22.80
C ARG F 117 -13.42 -12.20 21.55
N VAL F 118 -14.75 -12.07 21.48
CA VAL F 118 -15.48 -12.69 20.38
C VAL F 118 -15.97 -11.67 19.35
N THR F 119 -16.19 -10.41 19.75
CA THR F 119 -16.56 -9.40 18.79
C THR F 119 -15.32 -8.87 18.08
N ILE F 120 -15.54 -8.18 16.96
CA ILE F 120 -14.47 -7.51 16.23
C ILE F 120 -14.65 -6.01 16.41
N MET F 121 -13.55 -5.32 16.70
CA MET F 121 -13.54 -3.91 17.07
C MET F 121 -12.58 -3.17 16.16
N PRO F 122 -12.73 -1.84 16.03
CA PRO F 122 -11.86 -1.10 15.11
C PRO F 122 -10.38 -1.30 15.39
N LYS F 123 -9.97 -1.36 16.65
CA LYS F 123 -8.55 -1.51 16.97
C LYS F 123 -7.98 -2.80 16.42
N ASP F 124 -8.82 -3.79 16.12
CA ASP F 124 -8.33 -5.00 15.46
C ASP F 124 -7.91 -4.70 14.03
N ILE F 125 -8.73 -3.96 13.29
CA ILE F 125 -8.50 -3.77 11.86
C ILE F 125 -7.14 -3.12 11.63
N GLN F 126 -6.88 -2.00 12.32
CA GLN F 126 -5.61 -1.31 12.12
C GLN F 126 -4.42 -2.18 12.54
N LEU F 127 -4.64 -3.19 13.38
CA LEU F 127 -3.57 -4.13 13.64
C LEU F 127 -3.30 -5.00 12.42
N ALA F 128 -4.36 -5.58 11.85
CA ALA F 128 -4.17 -6.53 10.75
C ALA F 128 -3.43 -5.89 9.59
N ARG F 129 -3.91 -4.74 9.12
CA ARG F 129 -3.23 -4.03 8.05
C ARG F 129 -1.78 -3.77 8.39
N ARG F 130 -1.51 -3.40 9.65
CA ARG F 130 -0.14 -3.08 10.04
C ARG F 130 0.77 -4.28 9.87
N ILE F 131 0.25 -5.49 10.11
CA ILE F 131 1.05 -6.68 9.89
C ILE F 131 1.24 -6.92 8.39
N ARG F 132 0.19 -6.68 7.60
CA ARG F 132 0.29 -6.91 6.16
C ARG F 132 1.28 -5.95 5.51
N GLY F 133 1.28 -4.68 5.92
CA GLY F 133 2.13 -3.68 5.34
C GLY F 133 1.39 -2.57 4.62
N GLU F 134 0.06 -2.60 4.58
CA GLU F 134 -0.69 -1.57 3.87
C GLU F 134 -0.59 -0.22 4.60
N ARG F 135 -0.53 -0.25 5.92
CA ARG F 135 -0.49 0.95 6.75
C ARG F 135 -1.69 1.85 6.48
N ARG G 1 -19.81 27.81 -10.46
CA ARG G 1 -20.85 28.83 -10.33
C ARG G 1 -21.91 28.40 -9.33
N HIS G 2 -22.17 27.10 -9.30
CA HIS G 2 -23.30 26.56 -8.54
C HIS G 2 -22.91 26.49 -7.06
N ARG G 3 -23.91 26.18 -6.22
CA ARG G 3 -23.63 26.02 -4.81
C ARG G 3 -22.75 24.80 -4.60
N MET G 4 -21.88 24.87 -3.60
CA MET G 4 -20.73 23.98 -3.58
C MET G 4 -21.12 22.56 -3.21
N VAL G 5 -20.36 21.59 -3.73
CA VAL G 5 -20.76 20.19 -3.67
C VAL G 5 -19.94 19.44 -2.64
N LEU G 6 -20.43 18.25 -2.29
CA LEU G 6 -19.76 17.36 -1.34
C LEU G 6 -19.70 15.94 -1.91
N ARG G 7 -18.59 15.26 -1.65
CA ARG G 7 -18.40 13.87 -2.10
C ARG G 7 -18.94 12.94 -1.00
N ASP G 8 -20.09 12.33 -1.26
CA ASP G 8 -20.74 11.48 -0.27
C ASP G 8 -21.38 10.23 -0.87
N ASN G 9 -20.99 9.83 -2.08
CA ASN G 9 -21.54 8.58 -2.62
C ASN G 9 -21.01 7.37 -1.86
N ILE G 10 -19.94 7.54 -1.07
CA ILE G 10 -19.44 6.44 -0.26
C ILE G 10 -20.48 5.99 0.74
N GLN G 11 -21.45 6.86 1.06
CA GLN G 11 -22.60 6.45 1.86
C GLN G 11 -23.56 5.57 1.09
N GLY G 12 -23.35 5.40 -0.22
CA GLY G 12 -24.18 4.48 -0.98
C GLY G 12 -24.09 3.06 -0.48
N ILE G 13 -22.90 2.65 -0.01
CA ILE G 13 -22.77 1.34 0.61
C ILE G 13 -23.51 1.35 1.95
N THR G 14 -24.48 0.46 2.07
CA THR G 14 -25.35 0.43 3.23
C THR G 14 -24.83 -0.56 4.27
N LYS G 15 -25.14 -0.27 5.53
CA LYS G 15 -24.63 -1.12 6.61
C LYS G 15 -25.18 -2.55 6.59
N PRO G 16 -26.37 -2.85 6.06
CA PRO G 16 -26.71 -4.27 5.86
C PRO G 16 -25.75 -5.01 4.94
N ALA G 17 -25.25 -4.33 3.91
CA ALA G 17 -24.37 -5.00 2.95
C ALA G 17 -23.05 -5.41 3.59
N ILE G 18 -22.49 -4.56 4.44
CA ILE G 18 -21.21 -4.87 5.08
C ILE G 18 -21.37 -6.09 5.98
N ARG G 19 -22.54 -6.24 6.60
CA ARG G 19 -22.79 -7.41 7.45
C ARG G 19 -22.71 -8.70 6.64
N ARG G 20 -23.19 -8.67 5.39
CA ARG G 20 -23.14 -9.86 4.56
C ARG G 20 -21.70 -10.26 4.26
N LEU G 21 -20.85 -9.29 3.92
CA LEU G 21 -19.44 -9.60 3.70
C LEU G 21 -18.80 -10.13 4.96
N ALA G 22 -19.11 -9.53 6.11
CA ALA G 22 -18.55 -10.02 7.37
C ALA G 22 -18.98 -11.45 7.63
N ARG G 23 -20.25 -11.77 7.41
CA ARG G 23 -20.73 -13.13 7.63
C ARG G 23 -20.07 -14.12 6.67
N ARG G 24 -19.84 -13.71 5.42
CA ARG G 24 -19.11 -14.59 4.51
C ARG G 24 -17.69 -14.83 5.00
N GLY G 25 -17.04 -13.78 5.52
CA GLY G 25 -15.74 -13.98 6.15
C GLY G 25 -15.81 -14.86 7.38
N GLY G 26 -16.91 -14.77 8.13
CA GLY G 26 -17.16 -15.59 9.29
C GLY G 26 -16.91 -14.86 10.59
N VAL G 27 -17.99 -14.32 11.17
CA VAL G 27 -17.94 -13.57 12.41
C VAL G 27 -19.30 -13.72 13.10
N LYS G 28 -19.30 -13.71 14.42
CA LYS G 28 -20.54 -13.85 15.17
C LYS G 28 -21.09 -12.52 15.68
N ARG G 29 -20.22 -11.61 16.12
CA ARG G 29 -20.67 -10.33 16.63
C ARG G 29 -19.87 -9.21 15.99
N ILE G 30 -20.51 -8.05 15.86
CA ILE G 30 -19.93 -6.90 15.17
C ILE G 30 -20.13 -5.67 16.04
N SER G 31 -19.03 -5.01 16.41
CA SER G 31 -19.13 -3.76 17.12
C SER G 31 -19.65 -2.66 16.21
N GLY G 32 -20.50 -1.80 16.75
CA GLY G 32 -21.15 -0.79 15.93
C GLY G 32 -20.28 0.41 15.61
N LEU G 33 -19.02 0.18 15.27
CA LEU G 33 -18.12 1.25 14.89
C LEU G 33 -17.30 0.95 13.65
N ILE G 34 -17.18 -0.31 13.23
CA ILE G 34 -16.41 -0.65 12.03
C ILE G 34 -17.15 -0.27 10.75
N TYR G 35 -18.45 0.02 10.84
CA TYR G 35 -19.22 0.36 9.65
C TYR G 35 -18.64 1.60 8.97
N GLU G 36 -18.28 2.61 9.75
CA GLU G 36 -17.62 3.77 9.18
C GLU G 36 -16.16 3.50 8.87
N GLU G 37 -15.51 2.62 9.63
CA GLU G 37 -14.09 2.38 9.45
C GLU G 37 -13.79 1.72 8.11
N THR G 38 -14.62 0.76 7.69
CA THR G 38 -14.33 0.05 6.46
C THR G 38 -14.51 0.91 5.21
N ARG G 39 -15.27 2.00 5.31
CA ARG G 39 -15.46 2.88 4.15
C ARG G 39 -14.14 3.50 3.70
N GLY G 40 -13.30 3.91 4.65
CA GLY G 40 -12.01 4.47 4.27
C GLY G 40 -11.13 3.48 3.55
N VAL G 41 -11.11 2.23 4.03
CA VAL G 41 -10.31 1.19 3.38
C VAL G 41 -10.82 0.96 1.96
N LEU G 42 -12.13 0.84 1.80
CA LEU G 42 -12.69 0.63 0.46
C LEU G 42 -12.34 1.78 -0.46
N LYS G 43 -12.48 3.01 0.01
CA LYS G 43 -12.17 4.17 -0.82
C LYS G 43 -10.71 4.19 -1.23
N VAL G 44 -9.80 3.89 -0.30
CA VAL G 44 -8.37 3.91 -0.62
C VAL G 44 -8.04 2.86 -1.68
N PHE G 45 -8.54 1.64 -1.49
CA PHE G 45 -8.25 0.58 -2.46
C PHE G 45 -8.80 0.94 -3.83
N LEU G 46 -10.04 1.44 -3.87
CA LEU G 46 -10.66 1.75 -5.15
C LEU G 46 -9.92 2.88 -5.87
N GLU G 47 -9.52 3.91 -5.14
CA GLU G 47 -8.80 5.02 -5.78
C GLU G 47 -7.44 4.57 -6.27
N ASN G 48 -6.74 3.72 -5.50
CA ASN G 48 -5.44 3.25 -5.95
C ASN G 48 -5.55 2.43 -7.23
N VAL G 49 -6.57 1.59 -7.34
CA VAL G 49 -6.73 0.84 -8.59
C VAL G 49 -7.12 1.77 -9.73
N ILE G 50 -8.04 2.70 -9.48
CA ILE G 50 -8.58 3.54 -10.55
C ILE G 50 -7.51 4.43 -11.14
N ARG G 51 -6.59 4.95 -10.31
CA ARG G 51 -5.56 5.84 -10.83
C ARG G 51 -4.70 5.13 -11.87
N ASP G 52 -4.25 3.91 -11.55
CA ASP G 52 -3.43 3.15 -12.49
C ASP G 52 -4.22 2.77 -13.74
N ALA G 53 -5.48 2.39 -13.57
CA ALA G 53 -6.30 2.06 -14.74
C ALA G 53 -6.43 3.26 -15.67
N VAL G 54 -6.68 4.44 -15.11
CA VAL G 54 -6.84 5.64 -15.92
C VAL G 54 -5.53 6.00 -16.60
N THR G 55 -4.39 5.83 -15.91
CA THR G 55 -3.11 6.07 -16.57
C THR G 55 -2.93 5.14 -17.77
N TYR G 56 -3.18 3.84 -17.57
CA TYR G 56 -3.03 2.88 -18.65
C TYR G 56 -3.91 3.23 -19.84
N THR G 57 -5.16 3.61 -19.58
CA THR G 57 -6.06 3.99 -20.67
C THR G 57 -5.66 5.27 -21.36
N GLU G 58 -5.37 6.33 -20.60
CA GLU G 58 -5.04 7.63 -21.17
C GLU G 58 -3.74 7.60 -21.95
N HIS G 59 -2.84 6.67 -21.65
CA HIS G 59 -1.60 6.59 -22.43
C HIS G 59 -1.90 6.27 -23.89
N ALA G 60 -2.85 5.36 -24.14
CA ALA G 60 -3.14 4.89 -25.48
C ALA G 60 -3.97 5.87 -26.30
N LYS G 61 -4.11 7.11 -25.83
CA LYS G 61 -4.84 8.15 -26.56
C LYS G 61 -6.29 7.76 -26.83
N ARG G 62 -6.88 7.02 -25.88
CA ARG G 62 -8.25 6.58 -25.99
C ARG G 62 -9.15 7.48 -25.15
N LYS G 63 -10.44 7.13 -25.11
CA LYS G 63 -11.40 7.87 -24.31
C LYS G 63 -12.36 6.99 -23.53
N THR G 64 -12.22 5.67 -23.59
CA THR G 64 -13.06 4.76 -22.82
C THR G 64 -12.17 3.79 -22.05
N VAL G 65 -12.58 3.47 -20.83
CA VAL G 65 -11.85 2.57 -19.95
C VAL G 65 -12.37 1.17 -20.18
N THR G 66 -11.49 0.27 -20.59
CA THR G 66 -11.86 -1.11 -20.84
C THR G 66 -11.48 -1.99 -19.66
N ALA G 67 -11.96 -3.24 -19.68
CA ALA G 67 -11.70 -4.15 -18.58
C ALA G 67 -10.26 -4.63 -18.58
N MET G 68 -9.61 -4.65 -19.74
CA MET G 68 -8.27 -5.20 -19.82
C MET G 68 -7.28 -4.30 -19.08
N ASP G 69 -7.51 -2.98 -19.14
CA ASP G 69 -6.69 -2.05 -18.37
C ASP G 69 -6.84 -2.30 -16.87
N VAL G 70 -8.07 -2.56 -16.42
CA VAL G 70 -8.29 -2.87 -15.01
C VAL G 70 -7.56 -4.15 -14.63
N VAL G 71 -7.56 -5.14 -15.52
CA VAL G 71 -6.82 -6.36 -15.26
C VAL G 71 -5.34 -6.07 -15.12
N TYR G 72 -4.78 -5.25 -16.02
CA TYR G 72 -3.37 -4.90 -15.92
C TYR G 72 -3.06 -4.19 -14.61
N ALA G 73 -3.90 -3.22 -14.25
CA ALA G 73 -3.67 -2.45 -13.03
C ALA G 73 -3.70 -3.35 -11.80
N LEU G 74 -4.64 -4.29 -11.76
CA LEU G 74 -4.69 -5.23 -10.65
C LEU G 74 -3.45 -6.13 -10.64
N LYS G 75 -3.00 -6.57 -11.81
CA LYS G 75 -1.82 -7.42 -11.88
C LYS G 75 -0.56 -6.68 -11.42
N ARG G 76 -0.50 -5.37 -11.64
CA ARG G 76 0.70 -4.62 -11.31
C ARG G 76 0.95 -4.60 -9.81
N GLN G 77 -0.12 -4.46 -9.01
CA GLN G 77 0.04 -4.36 -7.56
C GLN G 77 0.25 -5.70 -6.89
N GLY G 78 0.07 -6.80 -7.61
CA GLY G 78 0.27 -8.13 -7.07
C GLY G 78 -0.98 -8.94 -6.83
N ARG G 79 -2.09 -8.63 -7.49
CA ARG G 79 -3.35 -9.36 -7.34
C ARG G 79 -3.86 -9.70 -8.73
N THR G 80 -3.41 -10.83 -9.28
CA THR G 80 -3.87 -11.24 -10.60
C THR G 80 -5.32 -11.66 -10.54
N LEU G 81 -6.03 -11.40 -11.64
CA LEU G 81 -7.45 -11.71 -11.76
C LEU G 81 -7.67 -12.66 -12.93
N TYR G 82 -8.49 -13.67 -12.72
CA TYR G 82 -8.79 -14.67 -13.73
C TYR G 82 -10.26 -14.57 -14.15
N GLY G 83 -10.52 -14.88 -15.42
CA GLY G 83 -11.88 -14.95 -15.92
C GLY G 83 -12.34 -13.76 -16.71
N PHE G 84 -11.48 -12.78 -16.98
CA PHE G 84 -11.85 -11.61 -17.77
C PHE G 84 -10.98 -11.45 -19.01
N GLY G 85 -10.17 -12.44 -19.34
CA GLY G 85 -9.30 -12.33 -20.50
C GLY G 85 -8.02 -11.60 -20.19
N GLY G 86 -6.90 -12.10 -20.69
CA GLY G 86 -5.61 -11.45 -20.48
C GLY G 86 -4.49 -12.42 -20.15
N LYS H 1 32.61 16.76 -29.47
CA LYS H 1 31.60 16.86 -28.41
C LYS H 1 31.13 15.49 -27.97
N THR H 2 30.28 15.46 -26.95
CA THR H 2 29.69 14.23 -26.45
C THR H 2 28.19 14.43 -26.27
N ARG H 3 27.45 13.31 -26.38
CA ARG H 3 26.00 13.39 -26.18
C ARG H 3 25.65 13.75 -24.75
N SER H 4 26.47 13.34 -23.79
CA SER H 4 26.20 13.66 -22.39
C SER H 4 26.25 15.16 -22.15
N SER H 5 27.27 15.83 -22.68
CA SER H 5 27.41 17.26 -22.50
C SER H 5 26.43 18.06 -23.34
N ARG H 6 25.87 17.45 -24.38
CA ARG H 6 24.92 18.17 -25.23
C ARG H 6 23.67 18.55 -24.46
N ALA H 7 23.25 17.72 -23.51
CA ALA H 7 22.07 17.97 -22.69
C ALA H 7 22.40 18.43 -21.28
N GLY H 8 23.67 18.69 -20.97
CA GLY H 8 24.05 19.13 -19.65
C GLY H 8 23.81 18.11 -18.55
N LEU H 9 24.20 16.86 -18.81
CA LEU H 9 23.99 15.78 -17.87
C LEU H 9 25.34 15.22 -17.40
N GLN H 10 25.35 14.66 -16.20
CA GLN H 10 26.53 14.03 -15.65
C GLN H 10 26.63 12.55 -16.02
N PHE H 11 25.48 11.87 -16.11
CA PHE H 11 25.50 10.45 -16.43
C PHE H 11 25.78 10.24 -17.93
N PRO H 12 26.34 9.08 -18.29
CA PRO H 12 26.67 8.83 -19.70
C PRO H 12 25.45 8.36 -20.48
N VAL H 13 25.08 9.13 -21.50
CA VAL H 13 23.96 8.74 -22.35
C VAL H 13 24.32 7.52 -23.20
N GLY H 14 25.56 7.47 -23.68
CA GLY H 14 25.96 6.37 -24.56
C GLY H 14 25.89 5.02 -23.89
N ARG H 15 26.33 4.93 -22.63
CA ARG H 15 26.26 3.66 -21.92
C ARG H 15 24.81 3.24 -21.69
N VAL H 16 23.93 4.19 -21.38
CA VAL H 16 22.52 3.87 -21.22
C VAL H 16 21.93 3.35 -22.52
N HIS H 17 22.27 3.99 -23.64
CA HIS H 17 21.80 3.52 -24.94
C HIS H 17 22.30 2.11 -25.23
N ARG H 18 23.58 1.84 -24.94
CA ARG H 18 24.14 0.52 -25.19
C ARG H 18 23.45 -0.54 -24.34
N LEU H 19 23.20 -0.22 -23.06
CA LEU H 19 22.52 -1.18 -22.19
C LEU H 19 21.09 -1.43 -22.66
N LEU H 20 20.39 -0.38 -23.11
CA LEU H 20 19.03 -0.56 -23.61
C LEU H 20 19.02 -1.42 -24.87
N ARG H 21 19.97 -1.21 -25.78
CA ARG H 21 19.97 -1.96 -27.03
C ARG H 21 20.32 -3.43 -26.81
N LYS H 22 21.23 -3.71 -25.88
CA LYS H 22 21.68 -5.06 -25.61
C LYS H 22 20.90 -5.76 -24.51
N GLY H 23 19.94 -5.09 -23.89
CA GLY H 23 19.17 -5.66 -22.81
C GLY H 23 17.97 -6.48 -23.22
N ASN H 24 17.66 -6.56 -24.51
CA ASN H 24 16.53 -7.33 -25.02
C ASN H 24 15.20 -6.85 -24.42
N TYR H 25 14.95 -5.55 -24.56
CA TYR H 25 13.68 -4.97 -24.12
C TYR H 25 12.74 -4.66 -25.27
N SER H 26 13.26 -4.36 -26.45
CA SER H 26 12.43 -4.09 -27.61
C SER H 26 13.26 -4.27 -28.86
N GLU H 27 12.58 -4.37 -30.01
CA GLU H 27 13.27 -4.53 -31.27
C GLU H 27 14.06 -3.27 -31.63
N ARG H 28 13.48 -2.10 -31.39
CA ARG H 28 14.12 -0.82 -31.68
C ARG H 28 14.00 0.10 -30.48
N VAL H 29 14.96 1.00 -30.35
CA VAL H 29 14.96 2.02 -29.31
C VAL H 29 15.12 3.38 -29.95
N GLY H 30 14.37 4.36 -29.47
CA GLY H 30 14.35 5.68 -30.07
C GLY H 30 15.60 6.50 -29.81
N ALA H 31 15.46 7.82 -29.85
CA ALA H 31 16.58 8.72 -29.63
C ALA H 31 16.48 9.55 -28.36
N GLY H 32 15.27 9.96 -27.97
CA GLY H 32 15.07 10.74 -26.78
C GLY H 32 14.90 9.93 -25.51
N ALA H 33 15.03 8.61 -25.58
CA ALA H 33 14.82 7.75 -24.42
C ALA H 33 16.02 7.74 -23.47
N PRO H 34 17.25 7.46 -23.95
CA PRO H 34 18.38 7.38 -22.99
C PRO H 34 18.61 8.67 -22.23
N VAL H 35 18.42 9.83 -22.86
CA VAL H 35 18.64 11.09 -22.15
C VAL H 35 17.61 11.26 -21.04
N TYR H 36 16.35 10.92 -21.32
CA TYR H 36 15.31 11.00 -20.30
C TYR H 36 15.62 10.08 -19.13
N LEU H 37 16.03 8.85 -19.42
CA LEU H 37 16.35 7.89 -18.37
C LEU H 37 17.53 8.36 -17.53
N ALA H 38 18.58 8.86 -18.19
CA ALA H 38 19.76 9.33 -17.46
C ALA H 38 19.41 10.52 -16.59
N ALA H 39 18.57 11.43 -17.09
CA ALA H 39 18.15 12.56 -16.28
C ALA H 39 17.40 12.11 -15.02
N VAL H 40 16.48 11.16 -15.18
CA VAL H 40 15.73 10.67 -14.03
C VAL H 40 16.66 10.03 -13.01
N LEU H 41 17.57 9.18 -13.48
CA LEU H 41 18.50 8.51 -12.57
C LEU H 41 19.37 9.52 -11.84
N GLU H 42 19.88 10.52 -12.55
CA GLU H 42 20.72 11.54 -11.93
C GLU H 42 19.95 12.30 -10.87
N TYR H 43 18.69 12.66 -11.16
CA TYR H 43 17.89 13.39 -10.18
C TYR H 43 17.68 12.58 -8.90
N LEU H 44 17.34 11.30 -9.05
CA LEU H 44 17.13 10.46 -7.87
C LEU H 44 18.41 10.33 -7.05
N THR H 45 19.54 10.09 -7.73
CA THR H 45 20.80 9.96 -7.02
C THR H 45 21.15 11.25 -6.28
N ALA H 46 20.93 12.41 -6.92
CA ALA H 46 21.22 13.68 -6.26
C ALA H 46 20.36 13.86 -5.02
N GLU H 47 19.08 13.53 -5.11
CA GLU H 47 18.20 13.66 -3.95
C GLU H 47 18.70 12.83 -2.78
N ILE H 48 18.96 11.53 -3.02
CA ILE H 48 19.36 10.66 -1.92
C ILE H 48 20.71 11.08 -1.36
N LEU H 49 21.66 11.44 -2.24
CA LEU H 49 22.99 11.82 -1.76
C LEU H 49 22.93 13.10 -0.93
N GLU H 50 22.10 14.06 -1.33
CA GLU H 50 21.95 15.28 -0.55
C GLU H 50 21.40 14.96 0.84
N LEU H 51 20.37 14.12 0.91
CA LEU H 51 19.81 13.77 2.22
C LEU H 51 20.84 13.06 3.10
N ALA H 52 21.59 12.12 2.51
CA ALA H 52 22.59 11.40 3.30
C ALA H 52 23.69 12.32 3.80
N GLY H 53 24.16 13.24 2.95
CA GLY H 53 25.18 14.18 3.38
C GLY H 53 24.69 15.10 4.48
N ASN H 54 23.43 15.54 4.38
CA ASN H 54 22.84 16.35 5.45
C ASN H 54 22.84 15.59 6.77
N ALA H 55 22.42 14.33 6.75
CA ALA H 55 22.42 13.53 7.97
C ALA H 55 23.84 13.36 8.52
N ALA H 56 24.80 13.10 7.63
CA ALA H 56 26.18 12.90 8.07
C ALA H 56 26.74 14.15 8.73
N ARG H 57 26.46 15.32 8.16
CA ARG H 57 26.88 16.55 8.80
C ARG H 57 26.20 16.72 10.15
N ASP H 58 24.91 16.39 10.23
CA ASP H 58 24.19 16.50 11.50
C ASP H 58 24.76 15.55 12.55
N ASN H 59 25.46 14.50 12.13
CA ASN H 59 26.11 13.59 13.06
C ASN H 59 27.57 13.96 13.32
N LYS H 60 28.02 15.12 12.83
CA LYS H 60 29.39 15.61 13.05
C LYS H 60 30.44 14.66 12.47
N LYS H 61 30.25 14.31 11.19
CA LYS H 61 31.21 13.48 10.47
C LYS H 61 31.39 14.06 9.06
N THR H 62 32.53 13.73 8.46
CA THR H 62 32.88 14.23 7.13
C THR H 62 32.92 13.14 6.08
N ARG H 63 32.23 12.03 6.31
CA ARG H 63 32.15 10.95 5.33
C ARG H 63 30.73 10.42 5.31
N ILE H 64 30.47 9.49 4.38
CA ILE H 64 29.17 8.85 4.23
C ILE H 64 29.34 7.37 4.48
N ILE H 65 28.54 6.83 5.40
CA ILE H 65 28.58 5.40 5.73
C ILE H 65 27.16 4.86 5.64
N PRO H 66 27.01 3.54 5.48
CA PRO H 66 25.67 2.98 5.28
C PRO H 66 24.68 3.33 6.38
N ARG H 67 25.14 3.64 7.59
CA ARG H 67 24.23 4.11 8.63
C ARG H 67 23.54 5.40 8.20
N HIS H 68 24.29 6.33 7.61
CA HIS H 68 23.71 7.58 7.16
C HIS H 68 22.69 7.35 6.04
N LEU H 69 23.01 6.46 5.10
CA LEU H 69 22.07 6.14 4.03
C LEU H 69 20.79 5.54 4.59
N GLN H 70 20.92 4.62 5.55
CA GLN H 70 19.74 4.00 6.16
C GLN H 70 18.89 5.05 6.87
N LEU H 71 19.53 5.93 7.63
CA LEU H 71 18.78 6.98 8.34
C LEU H 71 18.06 7.89 7.36
N ALA H 72 18.76 8.33 6.31
CA ALA H 72 18.16 9.24 5.34
C ALA H 72 16.99 8.58 4.61
N ILE H 73 17.13 7.32 4.23
CA ILE H 73 16.05 6.64 3.52
C ILE H 73 14.85 6.42 4.43
N ARG H 74 15.09 5.93 5.66
CA ARG H 74 13.98 5.56 6.53
C ARG H 74 13.26 6.78 7.10
N ASN H 75 13.97 7.88 7.34
CA ASN H 75 13.30 9.04 7.95
C ASN H 75 12.34 9.70 6.98
N ASP H 76 12.64 9.68 5.68
CA ASP H 76 11.72 10.22 4.70
C ASP H 76 10.53 9.29 4.51
N GLU H 77 9.52 9.77 3.78
CA GLU H 77 8.30 9.01 3.57
C GLU H 77 8.22 8.44 2.16
N GLU H 78 8.41 9.29 1.13
CA GLU H 78 8.29 8.82 -0.24
C GLU H 78 9.37 7.82 -0.59
N LEU H 79 10.61 8.10 -0.17
CA LEU H 79 11.68 7.14 -0.41
C LEU H 79 11.46 5.85 0.37
N ASN H 80 10.87 5.95 1.57
CA ASN H 80 10.52 4.75 2.32
C ASN H 80 9.48 3.93 1.58
N LYS H 81 8.50 4.58 0.96
CA LYS H 81 7.49 3.86 0.20
C LYS H 81 8.08 3.25 -1.07
N LEU H 82 9.07 3.92 -1.67
CA LEU H 82 9.69 3.37 -2.87
C LEU H 82 10.54 2.15 -2.54
N LEU H 83 11.38 2.25 -1.52
CA LEU H 83 12.25 1.17 -1.08
C LEU H 83 11.70 0.63 0.25
N GLY H 84 10.77 -0.31 0.15
CA GLY H 84 10.19 -0.91 1.34
C GLY H 84 10.47 -2.39 1.44
N ARG H 85 11.17 -2.94 0.45
CA ARG H 85 11.48 -4.37 0.40
C ARG H 85 12.96 -4.63 0.26
N VAL H 86 13.81 -3.68 0.66
CA VAL H 86 15.25 -3.83 0.54
C VAL H 86 15.87 -3.76 1.93
N THR H 87 17.06 -4.35 2.05
CA THR H 87 17.85 -4.30 3.27
C THR H 87 19.21 -3.71 2.94
N ILE H 88 19.72 -2.87 3.84
CA ILE H 88 21.01 -2.22 3.65
C ILE H 88 22.01 -2.88 4.58
N ALA H 89 23.07 -3.45 4.01
CA ALA H 89 24.07 -4.12 4.81
C ALA H 89 24.74 -3.14 5.77
N GLN H 90 24.85 -3.53 7.03
CA GLN H 90 25.38 -2.66 8.09
C GLN H 90 24.59 -1.37 8.17
N GLY H 91 23.27 -1.49 8.19
CA GLY H 91 22.40 -0.33 8.19
C GLY H 91 21.81 0.02 9.54
N GLY H 92 21.36 -0.99 10.28
CA GLY H 92 20.75 -0.75 11.58
C GLY H 92 19.25 -0.59 11.48
N VAL H 93 18.69 0.10 12.47
CA VAL H 93 17.24 0.30 12.57
C VAL H 93 16.98 1.53 13.42
N LEU H 94 15.88 2.23 13.11
CA LEU H 94 15.51 3.41 13.88
C LEU H 94 15.12 3.03 15.31
N PRO H 95 15.37 3.90 16.28
CA PRO H 95 15.04 3.59 17.68
C PRO H 95 13.58 3.91 18.00
N ASN H 96 12.90 2.98 18.64
CA ASN H 96 11.54 3.18 19.13
C ASN H 96 11.29 2.20 20.27
N ILE H 97 10.48 2.61 21.24
CA ILE H 97 10.33 1.86 22.48
C ILE H 97 8.85 1.58 22.73
N GLN H 98 7.98 2.13 21.89
CA GLN H 98 6.53 1.88 21.85
C GLN H 98 5.77 2.58 22.97
N ALA H 99 6.46 3.29 23.87
CA ALA H 99 5.82 4.16 24.86
C ALA H 99 4.91 3.40 25.82
N VAL H 100 5.38 2.24 26.28
CA VAL H 100 4.79 1.56 27.43
C VAL H 100 5.83 1.60 28.54
N LEU H 101 6.63 2.68 28.54
CA LEU H 101 7.76 2.81 29.45
C LEU H 101 7.35 2.63 30.91
N LEU H 102 8.12 1.82 31.62
CA LEU H 102 7.93 1.72 33.07
C LEU H 102 8.03 3.05 33.79
N PRO H 103 8.98 3.95 33.46
CA PRO H 103 9.06 5.22 34.19
C PRO H 103 7.78 6.03 34.07
N LYS H 104 7.47 6.76 35.14
CA LYS H 104 6.34 7.69 35.25
C LYS H 104 5.02 6.94 35.37
N LYS H 105 5.04 5.62 35.21
CA LYS H 105 3.83 4.80 35.25
C LYS H 105 2.73 5.41 34.39
N THR H 106 1.62 5.78 35.04
CA THR H 106 0.56 6.57 34.41
C THR H 106 0.41 7.88 35.17
N GLU H 107 0.50 9.00 34.45
CA GLU H 107 0.47 10.29 35.11
C GLU H 107 -0.86 10.52 35.81
N SER H 108 -0.78 11.06 37.02
CA SER H 108 -1.95 11.22 37.89
C SER H 108 -2.36 12.68 37.95
N HIS H 109 -3.68 12.91 37.97
CA HIS H 109 -4.26 14.24 38.07
C HIS H 109 -4.62 14.60 39.51
N HIS H 110 -4.01 13.94 40.49
CA HIS H 110 -4.39 14.16 41.89
C HIS H 110 -3.97 15.54 42.37
N LYS H 111 -2.84 16.05 41.90
CA LYS H 111 -2.37 17.35 42.33
C LYS H 111 -3.31 18.44 41.82
N ALA H 112 -3.73 19.33 42.74
CA ALA H 112 -4.48 20.53 42.40
C ALA H 112 -5.83 20.23 41.73
N LYS H 113 -6.18 18.95 41.59
CA LYS H 113 -7.39 18.54 40.88
C LYS H 113 -7.49 19.21 39.51
N GLY H 114 -6.37 19.21 38.80
CA GLY H 114 -6.30 19.88 37.51
C GLY H 114 -5.69 21.26 37.61
N LYS H 115 -6.51 22.28 37.35
CA LYS H 115 -6.08 23.67 37.42
C LYS H 115 -4.88 23.94 36.52
N ARG I 1 40.51 -8.20 -20.55
CA ARG I 1 41.08 -7.53 -19.40
C ARG I 1 40.14 -7.62 -18.20
N SER I 2 38.94 -8.17 -18.44
CA SER I 2 37.94 -8.36 -17.40
C SER I 2 37.61 -7.05 -16.70
N ARG I 3 37.38 -6.01 -17.49
CA ARG I 3 37.18 -4.65 -16.99
C ARG I 3 35.77 -4.53 -16.42
N LYS I 4 35.63 -4.78 -15.13
CA LYS I 4 34.40 -4.45 -14.43
C LYS I 4 34.12 -2.95 -14.56
N GLU I 5 32.86 -2.61 -14.81
CA GLU I 5 32.47 -1.23 -15.05
C GLU I 5 31.30 -0.88 -14.14
N SER I 6 31.33 0.34 -13.59
CA SER I 6 30.32 0.80 -12.66
C SER I 6 30.10 2.29 -12.86
N TYR I 7 29.16 2.85 -12.10
CA TYR I 7 28.84 4.27 -12.15
C TYR I 7 29.50 5.04 -11.01
N SER I 8 30.66 4.60 -10.54
CA SER I 8 31.30 5.25 -9.40
C SER I 8 31.67 6.69 -9.71
N VAL I 9 32.24 6.93 -10.90
CA VAL I 9 32.72 8.26 -11.25
C VAL I 9 31.58 9.27 -11.27
N TYR I 10 30.46 8.90 -11.89
CA TYR I 10 29.35 9.84 -12.00
C TYR I 10 28.71 10.11 -10.64
N VAL I 11 28.59 9.08 -9.81
CA VAL I 11 28.09 9.29 -8.45
C VAL I 11 29.00 10.24 -7.69
N TYR I 12 30.31 10.05 -7.82
CA TYR I 12 31.25 10.94 -7.13
C TYR I 12 31.11 12.37 -7.64
N LYS I 13 30.95 12.54 -8.97
CA LYS I 13 30.78 13.89 -9.51
C LYS I 13 29.54 14.56 -8.95
N VAL I 14 28.42 13.83 -8.93
CA VAL I 14 27.18 14.41 -8.41
C VAL I 14 27.34 14.76 -6.93
N LEU I 15 27.96 13.87 -6.15
CA LEU I 15 28.15 14.13 -4.72
C LEU I 15 29.00 15.36 -4.51
N LYS I 16 30.13 15.46 -5.22
CA LYS I 16 31.02 16.59 -5.03
C LYS I 16 30.39 17.88 -5.49
N GLN I 17 29.46 17.82 -6.46
CA GLN I 17 28.78 19.04 -6.87
C GLN I 17 27.76 19.47 -5.83
N VAL I 18 26.99 18.51 -5.29
CA VAL I 18 25.96 18.84 -4.32
C VAL I 18 26.58 19.26 -2.99
N HIS I 19 27.57 18.50 -2.53
CA HIS I 19 28.27 18.80 -1.28
C HIS I 19 29.75 18.99 -1.58
N PRO I 20 30.24 20.24 -1.62
CA PRO I 20 31.61 20.46 -2.10
C PRO I 20 32.69 19.77 -1.29
N ASP I 21 32.51 19.62 0.02
CA ASP I 21 33.57 19.08 0.88
C ASP I 21 33.14 17.86 1.68
N THR I 22 32.26 17.03 1.13
CA THR I 22 31.84 15.81 1.80
C THR I 22 32.46 14.60 1.12
N GLY I 23 32.98 13.67 1.93
CA GLY I 23 33.62 12.48 1.43
C GLY I 23 32.63 11.37 1.13
N ILE I 24 33.18 10.18 0.86
CA ILE I 24 32.39 9.02 0.53
C ILE I 24 33.21 7.78 0.85
N SER I 25 32.55 6.70 1.26
CA SER I 25 33.20 5.45 1.60
C SER I 25 32.94 4.41 0.52
N SER I 26 33.60 3.27 0.65
CA SER I 26 33.47 2.21 -0.35
C SER I 26 32.11 1.53 -0.27
N LYS I 27 31.66 1.20 0.96
CA LYS I 27 30.40 0.49 1.11
C LYS I 27 29.23 1.33 0.60
N ALA I 28 29.25 2.63 0.89
CA ALA I 28 28.20 3.51 0.37
C ALA I 28 28.22 3.57 -1.14
N MET I 29 29.43 3.54 -1.74
CA MET I 29 29.52 3.50 -3.20
C MET I 29 28.90 2.24 -3.76
N GLY I 30 29.17 1.09 -3.13
CA GLY I 30 28.53 -0.15 -3.56
C GLY I 30 27.02 -0.09 -3.45
N ILE I 31 26.52 0.48 -2.36
CA ILE I 31 25.07 0.59 -2.17
C ILE I 31 24.46 1.48 -3.25
N MET I 32 25.09 2.61 -3.54
CA MET I 32 24.58 3.50 -4.57
C MET I 32 24.59 2.82 -5.94
N ASN I 33 25.66 2.08 -6.24
CA ASN I 33 25.73 1.35 -7.50
C ASN I 33 24.58 0.36 -7.62
N SER I 34 24.32 -0.41 -6.56
CA SER I 34 23.24 -1.37 -6.61
C SER I 34 21.89 -0.68 -6.78
N PHE I 35 21.69 0.44 -6.09
CA PHE I 35 20.43 1.17 -6.19
C PHE I 35 20.19 1.65 -7.62
N VAL I 36 21.21 2.23 -8.24
CA VAL I 36 21.08 2.74 -9.60
C VAL I 36 20.75 1.59 -10.56
N ASN I 37 21.48 0.48 -10.44
CA ASN I 37 21.22 -0.66 -11.32
C ASN I 37 19.81 -1.17 -11.17
N ASP I 38 19.33 -1.32 -9.92
CA ASP I 38 17.99 -1.85 -9.70
C ASP I 38 16.93 -0.93 -10.28
N ILE I 39 17.05 0.38 -10.05
CA ILE I 39 16.05 1.32 -10.57
C ILE I 39 16.04 1.29 -12.09
N PHE I 40 17.21 1.28 -12.72
CA PHE I 40 17.28 1.24 -14.17
C PHE I 40 16.59 -0.01 -14.70
N GLU I 41 16.88 -1.17 -14.10
CA GLU I 41 16.28 -2.41 -14.58
C GLU I 41 14.76 -2.39 -14.41
N ARG I 42 14.27 -1.89 -13.27
CA ARG I 42 12.84 -1.85 -13.03
C ARG I 42 12.13 -0.98 -14.07
N ILE I 43 12.65 0.23 -14.28
CA ILE I 43 12.00 1.16 -15.21
C ILE I 43 12.04 0.61 -16.63
N ALA I 44 13.19 0.06 -17.04
CA ALA I 44 13.28 -0.49 -18.39
C ALA I 44 12.30 -1.63 -18.60
N GLY I 45 12.19 -2.54 -17.62
CA GLY I 45 11.24 -3.64 -17.77
C GLY I 45 9.81 -3.17 -17.85
N GLU I 46 9.42 -2.23 -16.98
CA GLU I 46 8.05 -1.73 -17.03
C GLU I 46 7.75 -1.05 -18.37
N ALA I 47 8.68 -0.24 -18.87
CA ALA I 47 8.46 0.44 -20.14
C ALA I 47 8.36 -0.55 -21.29
N SER I 48 9.21 -1.58 -21.29
CA SER I 48 9.15 -2.58 -22.35
C SER I 48 7.82 -3.32 -22.34
N ARG I 49 7.35 -3.72 -21.15
CA ARG I 49 6.07 -4.41 -21.07
C ARG I 49 4.94 -3.51 -21.56
N LEU I 50 4.95 -2.24 -21.15
CA LEU I 50 3.90 -1.31 -21.57
C LEU I 50 3.92 -1.13 -23.09
N ALA I 51 5.10 -1.03 -23.69
CA ALA I 51 5.19 -0.91 -25.13
C ALA I 51 4.68 -2.17 -25.82
N HIS I 52 4.92 -3.34 -25.21
CA HIS I 52 4.45 -4.58 -25.81
C HIS I 52 2.93 -4.72 -25.70
N TYR I 53 2.31 -4.11 -24.70
CA TYR I 53 0.85 -4.20 -24.59
C TYR I 53 0.16 -3.62 -25.81
N ASN I 54 0.61 -2.48 -26.30
CA ASN I 54 0.14 -1.95 -27.57
C ASN I 54 0.76 -2.76 -28.71
N LYS I 55 0.50 -2.33 -29.94
CA LYS I 55 1.04 -3.00 -31.11
C LYS I 55 2.29 -2.31 -31.65
N ARG I 56 2.92 -1.46 -30.84
CA ARG I 56 4.13 -0.77 -31.27
C ARG I 56 5.32 -1.73 -31.21
N SER I 57 6.43 -1.30 -31.81
CA SER I 57 7.65 -2.08 -31.83
C SER I 57 8.88 -1.26 -31.46
N THR I 58 8.70 -0.01 -31.03
CA THR I 58 9.81 0.87 -30.68
C THR I 58 9.54 1.54 -29.35
N ILE I 59 10.61 1.90 -28.64
CA ILE I 59 10.52 2.55 -27.36
C ILE I 59 10.91 4.01 -27.54
N THR I 60 10.01 4.92 -27.18
CA THR I 60 10.24 6.35 -27.31
C THR I 60 10.17 6.99 -25.93
N SER I 61 10.21 8.33 -25.92
CA SER I 61 10.25 9.05 -24.64
C SER I 61 8.95 8.90 -23.87
N ARG I 62 7.82 8.88 -24.56
CA ARG I 62 6.53 8.87 -23.86
C ARG I 62 6.32 7.57 -23.10
N GLU I 63 6.85 6.44 -23.60
CA GLU I 63 6.76 5.20 -22.85
C GLU I 63 7.47 5.31 -21.51
N ILE I 64 8.67 5.89 -21.51
CA ILE I 64 9.41 6.05 -20.27
C ILE I 64 8.72 7.06 -19.36
N GLN I 65 8.12 8.10 -19.95
CA GLN I 65 7.36 9.06 -19.16
C GLN I 65 6.22 8.37 -18.41
N THR I 66 5.44 7.55 -19.12
CA THR I 66 4.36 6.83 -18.49
C THR I 66 4.88 5.84 -17.45
N ALA I 67 5.99 5.18 -17.73
CA ALA I 67 6.54 4.21 -16.79
C ALA I 67 6.96 4.88 -15.49
N VAL I 68 7.67 6.01 -15.59
CA VAL I 68 8.10 6.70 -14.36
C VAL I 68 6.90 7.32 -13.65
N ARG I 69 5.85 7.68 -14.40
CA ARG I 69 4.63 8.10 -13.74
C ARG I 69 4.00 6.96 -12.95
N LEU I 70 4.08 5.75 -13.47
CA LEU I 70 3.47 4.60 -12.80
C LEU I 70 4.26 4.16 -11.58
N LEU I 71 5.59 4.15 -11.68
CA LEU I 71 6.42 3.48 -10.69
C LEU I 71 6.82 4.36 -9.50
N LEU I 72 6.39 5.62 -9.45
CA LEU I 72 6.87 6.50 -8.40
C LEU I 72 5.73 7.17 -7.66
N PRO I 73 5.92 7.53 -6.40
CA PRO I 73 4.91 8.30 -5.67
C PRO I 73 4.75 9.70 -6.24
N GLY I 74 3.62 10.31 -5.90
CA GLY I 74 3.14 11.53 -6.52
C GLY I 74 4.13 12.67 -6.72
N GLU I 75 4.57 13.29 -5.62
CA GLU I 75 5.41 14.48 -5.73
C GLU I 75 6.76 14.14 -6.38
N LEU I 76 7.36 13.02 -5.99
CA LEU I 76 8.64 12.62 -6.57
C LEU I 76 8.50 12.35 -8.06
N ALA I 77 7.42 11.68 -8.46
CA ALA I 77 7.18 11.44 -9.88
C ALA I 77 6.98 12.75 -10.64
N LYS I 78 6.25 13.70 -10.04
CA LYS I 78 6.02 14.98 -10.70
C LYS I 78 7.34 15.71 -10.94
N HIS I 79 8.18 15.77 -9.91
CA HIS I 79 9.46 16.45 -10.07
C HIS I 79 10.34 15.73 -11.09
N ALA I 80 10.32 14.38 -11.06
CA ALA I 80 11.15 13.63 -12.01
C ALA I 80 10.71 13.84 -13.45
N VAL I 81 9.40 13.84 -13.70
CA VAL I 81 8.92 14.02 -15.07
C VAL I 81 9.19 15.45 -15.54
N SER I 82 9.03 16.44 -14.66
CA SER I 82 9.38 17.80 -15.03
C SER I 82 10.86 17.91 -15.37
N GLU I 83 11.72 17.31 -14.55
CA GLU I 83 13.16 17.38 -14.80
C GLU I 83 13.52 16.70 -16.12
N GLY I 84 12.91 15.55 -16.40
CA GLY I 84 13.21 14.85 -17.64
C GLY I 84 12.75 15.60 -18.88
N THR I 85 11.55 16.18 -18.83
CA THR I 85 11.07 16.93 -19.98
C THR I 85 11.86 18.23 -20.16
N LYS I 86 12.41 18.77 -19.07
CA LYS I 86 13.36 19.86 -19.19
C LYS I 86 14.65 19.38 -19.85
N ALA I 87 15.13 18.20 -19.45
CA ALA I 87 16.40 17.70 -19.93
C ALA I 87 16.35 17.47 -21.43
N VAL I 88 15.31 16.82 -21.93
CA VAL I 88 15.16 16.64 -23.38
C VAL I 88 14.35 17.83 -23.88
N THR I 89 15.00 18.97 -23.90
CA THR I 89 14.60 20.15 -24.64
C THR I 89 15.76 20.80 -25.37
N LYS I 90 16.95 20.83 -24.75
CA LYS I 90 18.14 21.41 -25.33
C LYS I 90 18.94 20.42 -26.17
N TYR I 91 18.62 19.12 -26.06
CA TYR I 91 19.30 18.14 -26.91
C TYR I 91 18.96 18.37 -28.38
N THR I 92 17.72 18.79 -28.67
CA THR I 92 17.35 19.10 -30.04
C THR I 92 18.00 20.39 -30.52
N SER I 93 18.17 21.37 -29.62
CA SER I 93 18.78 22.63 -29.99
C SER I 93 20.28 22.52 -30.23
N ALA I 94 20.90 21.39 -29.87
CA ALA I 94 22.33 21.15 -30.05
C ALA I 94 23.16 22.22 -29.34
N LYS I 95 23.01 22.26 -28.02
CA LYS I 95 23.79 23.18 -27.18
C LYS I 95 25.27 22.80 -27.19
#